data_6UOX
#
_entry.id   6UOX
#
_cell.length_a   1.00
_cell.length_b   1.00
_cell.length_c   1.00
_cell.angle_alpha   90.00
_cell.angle_beta   90.00
_cell.angle_gamma   90.00
#
_symmetry.space_group_name_H-M   'P 1'
#
loop_
_entity.id
_entity.type
_entity.pdbx_description
1 polymer 'NPC intracellular cholesterol transporter 1'
2 branched 2-acetamido-2-deoxy-beta-D-glucopyranose-(1-4)-2-acetamido-2-deoxy-beta-D-glucopyranose
3 branched alpha-D-mannopyranose-(1-3)-2-acetamido-2-deoxy-beta-D-glucopyranose-(1-4)-2-acetamido-2-deoxy-beta-D-glucopyranose
4 non-polymer 2-acetamido-2-deoxy-beta-D-glucopyranose
5 non-polymer 4-(3-bromo-4-{4-[4-({(2R,4S)-2-(2,4-dichlorophenyl)-2-[(1H-1,2,4-triazol-1-yl)methyl]-1,3-dioxolan-4-yl}methoxy)phenyl]piperazin-1-yl}phenyl)-2-[(2S)-butan-2-yl]-2,4-dihydro-3H-1,2,4-triazol-3-one
#
_entity_poly.entity_id   1
_entity_poly.type   'polypeptide(L)'
_entity_poly.pdbx_seq_one_letter_code
;MTARGLALGLLLLLLCPAQVFSQSCVWYGECGIAYGDKRYNCEYSGPPKPLPKDGYDLVQELCPGFFFGNVSLCCDVRQL
QTLKDNLQLPLQFLSRCPSCFYNLLNLFCELTCSPRQSQFLNVTATEDYVDPVTNQTKTNVKELQYYVGQSFANAMYNAC
RDVEAPSSNDKALGLLCGKDADACNATNWIEYMFNKDNGQAPFTITPVFSDFPVHGMEPMNNATKGCDESVDEVTAPCSC
QDCSIVCGPKPQPPPPPAPWTILGLDAMYVIMWITYMAFLLVFFGAFFAVWCYRKRYFVSEYTPIDSNIAFSVNASDKGE
ASCCDPVSAAFEGCLRRLFTRWGSFCVRNPGCVIFFSLVFITACSSGLVFVRVTTNPVDLWSAPSSQARLEKEYFDQHFG
PFFRTEQLIIRAPLTDKHIYQPYPSGADVPFGPPLDIQILHQVLDLQIAIENITASYDNETVTLQDICLAPLSPYNTNCT
ILSVLNYFQNSHSVLDHKKGDDFFVYADYHTHFLYCVRAPASLNDTSLLHDPCLGTFGGPVFPWLVLGGYDDQNYNNATA
LVITFPVNNYYNDTEKLQRAQAWEKEFINFVKNYKNPNLTISFTAERSIEDELNRESDSDVFTVVISYAIMFLYISLALG
HMKSCRRLLVDSKVSLGIAGILIVLSSVACSLGVFSYIGLPLTLIVIEVIPFLVLAVGVDNIFILVQAYQRDERLQGETL
DQQLGRVLGEVAPSMFLSSFSETVAFFLGALSVMPAVHTFSLFAGLAVFIDFLLQITCFVSLLGLDIKRQEKNRLDIFCC
VRGAEDGTSVQASESCLFRFFKNSYSPLLLKDWMRPIVIAIFVGVLSFSIAVLNKVDIGLDQSLSMPDDSYMVDYFKSIS
QYLHAGPPVYFVLEEGHDYTSSKGQNMVCGGMGCNNDSLVQQIFNAAQLDNYTRIGFAPSSWIDDYFDWVKPQSSCCRVD
NITDQFCNASVVDPACVRCRPLTPEGKQRPQGGDFMRFLPMFLSDNPNPKCGKGGHAAYSSAVNILLGHGTRVGATYFMT
YHTVLQTSADFIDALKKARLIASNVTETMGINGSAYRVFPYSVFYVFYEQYLTIIDDTIFNLGVSLGAIFLVTMVLLGCE
LWSAVIMCATIAMVLVNMFGVMWLWGISLNAVSLVNLVMSCGISVEFCSHITRAFTVSMKGSRVERAEEALAHMGSSVFS
GITLTKFGGIVVLAFAKSQIFQIFYFRMYLAMVLLGATHGLIFLPVLLSYIGPSVNKAKSCATEERYKGTERERLLNFWS
HPQFEK
;
_entity_poly.pdbx_strand_id   A
#
# COMPACT_ATOMS: atom_id res chain seq x y z
N SER A 24 -17.20 -66.66 -0.95
CA SER A 24 -17.82 -66.98 0.37
C SER A 24 -17.14 -66.23 1.52
N CYS A 25 -17.94 -65.82 2.51
CA CYS A 25 -17.45 -65.08 3.67
C CYS A 25 -17.33 -65.97 4.92
N VAL A 26 -16.69 -65.44 5.96
CA VAL A 26 -16.32 -66.21 7.16
C VAL A 26 -17.28 -65.98 8.34
N TRP A 27 -17.57 -64.72 8.66
CA TRP A 27 -18.46 -64.36 9.77
C TRP A 27 -19.51 -63.32 9.37
N TYR A 28 -20.41 -63.02 10.31
CA TYR A 28 -21.48 -62.04 10.10
C TYR A 28 -22.02 -61.53 11.44
N GLY A 29 -22.71 -60.39 11.42
CA GLY A 29 -23.47 -59.90 12.58
C GLY A 29 -22.63 -59.38 13.73
N GLU A 30 -23.28 -59.25 14.89
CA GLU A 30 -22.65 -58.76 16.12
C GLU A 30 -23.06 -59.61 17.33
N CYS A 31 -22.16 -60.50 17.75
CA CYS A 31 -22.33 -61.29 18.99
C CYS A 31 -22.17 -60.41 20.24
N GLY A 32 -22.22 -61.03 21.43
CA GLY A 32 -22.22 -60.31 22.70
C GLY A 32 -20.99 -59.47 23.06
N ILE A 33 -21.05 -58.90 24.26
CA ILE A 33 -20.09 -57.90 24.74
C ILE A 33 -18.80 -58.55 25.23
N ALA A 34 -17.66 -57.97 24.86
CA ALA A 34 -16.36 -58.31 25.44
C ALA A 34 -16.16 -57.50 26.72
N TYR A 35 -16.26 -56.18 26.59
CA TYR A 35 -16.22 -55.25 27.73
C TYR A 35 -16.78 -53.88 27.33
N GLY A 36 -17.85 -53.46 27.99
CA GLY A 36 -18.49 -52.18 27.73
C GLY A 36 -19.27 -52.15 26.41
N ASP A 37 -18.72 -51.43 25.42
CA ASP A 37 -19.34 -51.30 24.09
C ASP A 37 -18.77 -52.26 23.05
N LYS A 38 -17.52 -52.71 23.24
CA LYS A 38 -16.83 -53.58 22.29
C LYS A 38 -17.44 -54.98 22.22
N ARG A 39 -17.92 -55.36 21.03
CA ARG A 39 -18.66 -56.61 20.81
C ARG A 39 -17.85 -57.60 19.99
N TYR A 40 -18.36 -58.82 19.88
CA TYR A 40 -17.76 -59.87 19.02
C TYR A 40 -18.56 -60.06 17.73
N ASN A 41 -18.00 -60.85 16.82
CA ASN A 41 -18.66 -61.25 15.57
C ASN A 41 -19.10 -62.72 15.66
N CYS A 42 -20.13 -63.06 14.87
CA CYS A 42 -20.76 -64.38 14.90
C CYS A 42 -20.42 -65.21 13.66
N GLU A 43 -20.01 -66.46 13.88
CA GLU A 43 -19.51 -67.32 12.80
C GLU A 43 -20.64 -67.75 11.84
N TYR A 44 -20.38 -67.64 10.55
CA TYR A 44 -21.34 -67.98 9.50
C TYR A 44 -20.61 -68.13 8.16
N SER A 45 -20.31 -69.37 7.80
CA SER A 45 -19.46 -69.68 6.64
C SER A 45 -20.29 -70.15 5.44
N GLY A 46 -21.24 -69.32 5.03
CA GLY A 46 -22.16 -69.61 3.92
C GLY A 46 -22.14 -68.53 2.86
N PRO A 47 -23.28 -68.32 2.16
CA PRO A 47 -23.33 -67.30 1.12
C PRO A 47 -23.41 -65.87 1.68
N PRO A 48 -23.09 -64.85 0.84
CA PRO A 48 -23.24 -63.46 1.28
C PRO A 48 -24.71 -63.02 1.39
N LYS A 49 -24.94 -61.93 2.12
CA LYS A 49 -26.27 -61.48 2.52
C LYS A 49 -26.67 -60.19 1.80
N PRO A 50 -27.82 -60.17 1.10
CA PRO A 50 -28.27 -58.93 0.45
C PRO A 50 -28.55 -57.78 1.45
N LEU A 51 -27.79 -56.69 1.33
CA LEU A 51 -27.85 -55.58 2.28
C LEU A 51 -29.23 -54.90 2.32
N PRO A 52 -29.60 -54.34 3.50
CA PRO A 52 -30.81 -53.49 3.56
C PRO A 52 -30.67 -52.20 2.73
N LYS A 53 -31.82 -51.61 2.40
CA LYS A 53 -31.85 -50.42 1.54
C LYS A 53 -31.35 -49.18 2.25
N ASP A 54 -31.70 -49.04 3.54
CA ASP A 54 -31.22 -47.92 4.37
C ASP A 54 -29.72 -47.97 4.69
N GLY A 55 -29.11 -49.16 4.57
CA GLY A 55 -27.65 -49.32 4.72
C GLY A 55 -26.79 -48.82 3.57
N TYR A 56 -27.41 -48.42 2.46
CA TYR A 56 -26.67 -47.90 1.29
C TYR A 56 -25.98 -46.54 1.53
N ASP A 57 -26.57 -45.71 2.38
CA ASP A 57 -26.02 -44.39 2.68
C ASP A 57 -24.67 -44.43 3.41
N LEU A 58 -24.44 -45.48 4.20
CA LEU A 58 -23.16 -45.68 4.90
C LEU A 58 -22.11 -46.32 4.00
N VAL A 59 -22.48 -47.40 3.31
CA VAL A 59 -21.56 -48.15 2.45
C VAL A 59 -21.06 -47.33 1.25
N GLN A 60 -21.90 -46.45 0.71
CA GLN A 60 -21.48 -45.53 -0.35
C GLN A 60 -20.42 -44.52 0.12
N GLU A 61 -20.52 -44.10 1.38
CA GLU A 61 -19.54 -43.18 1.98
C GLU A 61 -18.28 -43.90 2.44
N LEU A 62 -18.42 -45.10 3.00
CA LEU A 62 -17.28 -45.84 3.58
C LEU A 62 -16.58 -46.80 2.63
N CYS A 63 -17.35 -47.62 1.90
CA CYS A 63 -16.79 -48.61 0.97
C CYS A 63 -17.36 -48.45 -0.45
N PRO A 64 -16.93 -47.37 -1.16
CA PRO A 64 -17.46 -47.09 -2.51
C PRO A 64 -16.96 -48.06 -3.58
N GLY A 65 -15.86 -48.76 -3.31
CA GLY A 65 -15.36 -49.80 -4.20
C GLY A 65 -16.05 -51.16 -4.11
N PHE A 66 -17.15 -51.25 -3.34
CA PHE A 66 -18.01 -52.44 -3.32
C PHE A 66 -19.39 -52.23 -3.94
N PHE A 67 -19.98 -51.04 -3.77
CA PHE A 67 -21.31 -50.77 -4.33
C PHE A 67 -21.25 -50.64 -5.87
N PHE A 68 -21.38 -51.80 -6.53
CA PHE A 68 -21.52 -51.86 -7.99
C PHE A 68 -22.16 -53.18 -8.41
N GLY A 69 -23.10 -53.10 -9.35
CA GLY A 69 -23.80 -54.28 -9.86
C GLY A 69 -24.70 -54.92 -8.82
N ASN A 70 -24.43 -56.18 -8.48
CA ASN A 70 -25.12 -56.87 -7.38
C ASN A 70 -24.62 -56.33 -6.04
N VAL A 71 -25.55 -56.13 -5.11
CA VAL A 71 -25.27 -55.47 -3.82
C VAL A 71 -25.06 -56.46 -2.65
N SER A 72 -25.05 -57.76 -2.94
CA SER A 72 -24.94 -58.80 -1.91
C SER A 72 -23.50 -58.98 -1.42
N LEU A 73 -23.22 -58.42 -0.23
CA LEU A 73 -21.93 -58.56 0.47
C LEU A 73 -22.20 -59.27 1.81
N CYS A 74 -21.16 -59.45 2.63
CA CYS A 74 -21.31 -60.12 3.93
C CYS A 74 -21.21 -59.16 5.14
N CYS A 75 -21.94 -58.04 5.08
CA CYS A 75 -22.12 -57.14 6.24
C CYS A 75 -23.53 -56.60 6.33
N ASP A 76 -23.82 -56.00 7.49
CA ASP A 76 -25.05 -55.26 7.74
C ASP A 76 -24.71 -53.83 8.17
N VAL A 77 -25.74 -53.00 8.32
CA VAL A 77 -25.58 -51.58 8.69
C VAL A 77 -24.92 -51.38 10.07
N ARG A 78 -25.17 -52.29 11.01
CA ARG A 78 -24.72 -52.14 12.40
C ARG A 78 -23.21 -52.28 12.57
N GLN A 79 -22.60 -53.19 11.81
CA GLN A 79 -21.14 -53.32 11.77
C GLN A 79 -20.50 -52.02 11.32
N LEU A 80 -20.94 -51.51 10.17
CA LEU A 80 -20.46 -50.22 9.64
C LEU A 80 -20.78 -49.04 10.56
N GLN A 81 -21.91 -49.10 11.27
CA GLN A 81 -22.32 -48.06 12.22
C GLN A 81 -21.37 -47.95 13.41
N THR A 82 -20.98 -49.08 13.99
CA THR A 82 -19.96 -49.10 15.06
C THR A 82 -18.53 -48.92 14.51
N LEU A 83 -18.29 -49.39 13.28
CA LEU A 83 -16.97 -49.32 12.65
C LEU A 83 -16.52 -47.89 12.34
N LYS A 84 -17.44 -47.04 11.88
CA LYS A 84 -17.14 -45.61 11.69
C LYS A 84 -16.85 -44.90 13.03
N ASP A 85 -17.47 -45.37 14.11
CA ASP A 85 -17.17 -44.91 15.46
C ASP A 85 -15.80 -45.42 15.95
N ASN A 86 -15.45 -46.65 15.57
CA ASN A 86 -14.12 -47.22 15.90
C ASN A 86 -12.95 -46.44 15.30
N LEU A 87 -13.06 -46.07 14.03
CA LEU A 87 -12.00 -45.33 13.32
C LEU A 87 -12.23 -43.79 13.28
N GLN A 88 -12.80 -43.26 14.37
CA GLN A 88 -13.02 -41.82 14.50
C GLN A 88 -11.69 -41.06 14.66
N LEU A 89 -10.81 -41.57 15.51
CA LEU A 89 -9.53 -40.92 15.81
C LEU A 89 -8.53 -40.90 14.65
N PRO A 90 -8.50 -41.96 13.80
CA PRO A 90 -7.81 -41.84 12.51
C PRO A 90 -8.37 -40.74 11.60
N LEU A 91 -9.68 -40.50 11.60
CA LEU A 91 -10.24 -39.35 10.88
C LEU A 91 -9.88 -38.03 11.56
N GLN A 92 -9.79 -38.02 12.89
CA GLN A 92 -9.28 -36.85 13.61
C GLN A 92 -7.81 -36.51 13.31
N PHE A 93 -6.99 -37.53 13.00
CA PHE A 93 -5.56 -37.33 12.68
C PHE A 93 -5.22 -37.34 11.19
N LEU A 94 -5.81 -38.25 10.42
CA LEU A 94 -5.51 -38.43 8.99
C LEU A 94 -6.57 -37.81 8.05
N SER A 95 -7.14 -36.67 8.43
CA SER A 95 -7.99 -35.88 7.54
C SER A 95 -7.18 -35.00 6.58
N ARG A 96 -5.87 -34.88 6.80
CA ARG A 96 -5.01 -34.02 5.98
C ARG A 96 -4.86 -34.54 4.56
N CYS A 97 -4.35 -35.76 4.42
CA CYS A 97 -4.18 -36.41 3.13
C CYS A 97 -5.27 -37.48 2.97
N PRO A 98 -6.26 -37.25 2.06
CA PRO A 98 -7.32 -38.25 1.86
C PRO A 98 -6.84 -39.61 1.34
N SER A 99 -5.77 -39.61 0.55
CA SER A 99 -5.21 -40.84 -0.02
C SER A 99 -4.62 -41.78 1.04
N CYS A 100 -3.98 -41.22 2.05
CA CYS A 100 -3.42 -42.00 3.17
C CYS A 100 -4.53 -42.68 3.99
N PHE A 101 -5.61 -41.96 4.25
CA PHE A 101 -6.80 -42.52 4.89
C PHE A 101 -7.54 -43.52 4.00
N TYR A 102 -7.57 -43.22 2.69
CA TYR A 102 -8.17 -44.12 1.69
C TYR A 102 -7.52 -45.51 1.64
N ASN A 103 -6.21 -45.57 1.84
CA ASN A 103 -5.47 -46.84 1.81
C ASN A 103 -5.87 -47.75 2.97
N LEU A 104 -5.90 -47.21 4.18
CA LEU A 104 -6.36 -47.97 5.35
C LEU A 104 -7.88 -48.19 5.33
N LEU A 105 -8.64 -47.28 4.72
CA LEU A 105 -10.07 -47.50 4.49
C LEU A 105 -10.33 -48.73 3.60
N ASN A 106 -9.49 -48.92 2.58
CA ASN A 106 -9.54 -50.13 1.74
C ASN A 106 -9.30 -51.41 2.57
N LEU A 107 -8.38 -51.33 3.53
CA LEU A 107 -8.05 -52.45 4.42
C LEU A 107 -9.23 -52.86 5.30
N PHE A 108 -9.86 -51.88 5.95
CA PHE A 108 -10.99 -52.15 6.86
C PHE A 108 -12.28 -52.55 6.13
N CYS A 109 -12.50 -52.03 4.93
CA CYS A 109 -13.60 -52.49 4.06
C CYS A 109 -13.48 -53.97 3.74
N GLU A 110 -12.28 -54.40 3.38
CA GLU A 110 -11.99 -55.81 3.12
C GLU A 110 -12.11 -56.68 4.38
N LEU A 111 -11.78 -56.11 5.53
CA LEU A 111 -11.97 -56.80 6.81
C LEU A 111 -13.43 -56.88 7.27
N THR A 112 -14.25 -55.86 6.97
CA THR A 112 -15.67 -55.88 7.41
C THR A 112 -16.58 -56.76 6.53
N CYS A 113 -16.50 -56.60 5.20
CA CYS A 113 -17.31 -57.43 4.28
C CYS A 113 -16.79 -57.49 2.85
N SER A 114 -15.64 -58.12 2.69
CA SER A 114 -15.20 -58.61 1.40
C SER A 114 -15.96 -59.90 1.08
N PRO A 115 -16.21 -60.17 -0.21
CA PRO A 115 -16.63 -61.52 -0.61
C PRO A 115 -15.45 -62.49 -0.70
N ARG A 116 -14.22 -61.97 -0.69
CA ARG A 116 -12.98 -62.76 -0.74
C ARG A 116 -12.44 -63.15 0.64
N GLN A 117 -13.29 -63.13 1.68
CA GLN A 117 -12.86 -63.45 3.05
C GLN A 117 -12.42 -64.90 3.27
N SER A 118 -12.85 -65.81 2.40
CA SER A 118 -12.35 -67.20 2.41
C SER A 118 -10.91 -67.34 1.86
N GLN A 119 -10.38 -66.29 1.25
CA GLN A 119 -9.08 -66.33 0.57
C GLN A 119 -7.90 -65.85 1.42
N PHE A 120 -8.11 -64.85 2.28
CA PHE A 120 -7.02 -64.28 3.10
C PHE A 120 -7.27 -64.30 4.62
N LEU A 121 -8.21 -65.14 5.06
CA LEU A 121 -8.52 -65.26 6.50
C LEU A 121 -8.59 -66.73 6.94
N ASN A 122 -7.99 -67.02 8.09
CA ASN A 122 -8.01 -68.34 8.71
C ASN A 122 -8.31 -68.18 10.20
N VAL A 123 -9.50 -68.60 10.62
CA VAL A 123 -9.91 -68.53 12.03
C VAL A 123 -9.22 -69.65 12.81
N THR A 124 -8.51 -69.27 13.87
CA THR A 124 -7.78 -70.21 14.71
C THR A 124 -8.61 -70.58 15.92
N ALA A 125 -8.99 -69.57 16.71
CA ALA A 125 -9.78 -69.79 17.92
C ALA A 125 -11.25 -69.43 17.69
N THR A 126 -12.14 -70.23 18.26
CA THR A 126 -13.58 -69.98 18.22
C THR A 126 -14.17 -70.32 19.60
N GLU A 127 -15.02 -69.45 20.11
CA GLU A 127 -15.64 -69.60 21.44
C GLU A 127 -17.16 -69.65 21.28
N ASP A 128 -17.84 -70.37 22.18
CA ASP A 128 -19.29 -70.41 22.21
C ASP A 128 -19.86 -69.17 22.91
N TYR A 129 -21.17 -68.98 22.80
CA TYR A 129 -21.85 -67.82 23.39
C TYR A 129 -23.31 -68.12 23.73
N VAL A 130 -23.72 -67.70 24.92
CA VAL A 130 -25.09 -67.84 25.39
C VAL A 130 -25.79 -66.48 25.35
N ASP A 131 -27.01 -66.48 24.81
CA ASP A 131 -27.82 -65.25 24.69
C ASP A 131 -28.85 -65.20 25.81
N PRO A 132 -28.96 -64.05 26.48
CA PRO A 132 -29.94 -63.85 27.54
C PRO A 132 -31.37 -63.66 27.01
N VAL A 133 -31.50 -63.06 25.82
CA VAL A 133 -32.80 -62.73 25.23
C VAL A 133 -33.43 -63.91 24.48
N THR A 134 -32.81 -64.31 23.37
CA THR A 134 -33.35 -65.35 22.48
C THR A 134 -33.06 -66.79 22.98
N ASN A 135 -32.04 -66.94 23.82
CA ASN A 135 -31.65 -68.23 24.43
C ASN A 135 -31.06 -69.28 23.47
N GLN A 136 -30.73 -68.89 22.23
CA GLN A 136 -30.10 -69.80 21.26
C GLN A 136 -28.59 -69.67 21.38
N THR A 137 -27.90 -70.81 21.45
CA THR A 137 -26.45 -70.84 21.63
C THR A 137 -25.72 -70.42 20.34
N LYS A 138 -25.11 -69.23 20.40
CA LYS A 138 -24.36 -68.66 19.26
C LYS A 138 -22.86 -68.96 19.39
N THR A 139 -22.08 -68.53 18.40
CA THR A 139 -20.62 -68.73 18.39
C THR A 139 -19.88 -67.41 18.20
N ASN A 140 -19.19 -66.96 19.24
CA ASN A 140 -18.30 -65.79 19.17
C ASN A 140 -17.06 -66.09 18.32
N VAL A 141 -16.53 -65.06 17.66
CA VAL A 141 -15.26 -65.14 16.93
C VAL A 141 -14.12 -64.70 17.84
N LYS A 142 -13.25 -65.63 18.22
CA LYS A 142 -12.19 -65.37 19.22
C LYS A 142 -10.90 -64.84 18.60
N GLU A 143 -10.29 -65.63 17.70
CA GLU A 143 -9.00 -65.27 17.11
C GLU A 143 -8.81 -65.86 15.70
N LEU A 144 -8.33 -65.01 14.80
CA LEU A 144 -8.08 -65.37 13.39
C LEU A 144 -6.78 -64.77 12.84
N GLN A 145 -6.36 -65.32 11.70
CA GLN A 145 -5.13 -64.93 11.02
C GLN A 145 -5.47 -64.14 9.75
N TYR A 146 -4.87 -62.95 9.61
CA TYR A 146 -5.13 -62.04 8.49
C TYR A 146 -3.95 -62.06 7.52
N TYR A 147 -4.12 -62.72 6.37
CA TYR A 147 -3.07 -62.83 5.36
C TYR A 147 -3.07 -61.58 4.48
N VAL A 148 -2.08 -60.71 4.68
CA VAL A 148 -2.06 -59.39 4.03
C VAL A 148 -0.79 -59.22 3.18
N GLY A 149 -0.93 -58.47 2.08
CA GLY A 149 0.19 -58.14 1.20
C GLY A 149 1.22 -57.29 1.91
N GLN A 150 2.49 -57.66 1.78
CA GLN A 150 3.60 -56.90 2.38
C GLN A 150 3.84 -55.59 1.61
N SER A 151 3.82 -55.69 0.27
CA SER A 151 3.92 -54.53 -0.60
C SER A 151 2.84 -53.48 -0.34
N PHE A 152 1.65 -53.94 0.03
CA PHE A 152 0.55 -53.06 0.47
C PHE A 152 0.94 -52.25 1.71
N ALA A 153 1.55 -52.92 2.69
CA ALA A 153 2.05 -52.26 3.90
C ALA A 153 3.19 -51.29 3.59
N ASN A 154 4.12 -51.73 2.73
CA ASN A 154 5.24 -50.86 2.28
C ASN A 154 4.72 -49.61 1.56
N ALA A 155 3.76 -49.80 0.65
CA ALA A 155 3.11 -48.70 -0.06
C ALA A 155 2.39 -47.74 0.88
N MET A 156 1.66 -48.30 1.85
CA MET A 156 1.00 -47.51 2.90
C MET A 156 2.01 -46.70 3.71
N TYR A 157 3.07 -47.36 4.17
CA TYR A 157 4.10 -46.70 4.97
C TYR A 157 4.85 -45.60 4.21
N ASN A 158 5.26 -45.91 2.97
CA ASN A 158 5.89 -44.91 2.10
C ASN A 158 4.97 -43.71 1.80
N ALA A 159 3.67 -43.97 1.69
CA ALA A 159 2.67 -42.92 1.46
C ALA A 159 2.29 -42.13 2.73
N CYS A 160 2.42 -42.75 3.91
CA CYS A 160 1.98 -42.15 5.18
C CYS A 160 3.08 -41.87 6.21
N ARG A 161 4.35 -42.02 5.83
CA ARG A 161 5.47 -41.76 6.77
C ARG A 161 5.60 -40.30 7.23
N ASP A 162 5.36 -39.35 6.32
CA ASP A 162 5.65 -37.93 6.54
C ASP A 162 4.40 -37.08 6.84
N VAL A 163 3.33 -37.70 7.35
CA VAL A 163 2.10 -36.96 7.66
C VAL A 163 2.35 -36.13 8.91
N GLU A 164 2.25 -34.81 8.79
CA GLU A 164 2.47 -33.89 9.90
C GLU A 164 1.29 -33.92 10.86
N ALA A 165 1.57 -34.12 12.15
CA ALA A 165 0.55 -34.10 13.20
C ALA A 165 0.07 -32.66 13.45
N PRO A 166 -1.20 -32.47 13.85
CA PRO A 166 -1.66 -31.12 14.21
C PRO A 166 -0.98 -30.56 15.47
N SER A 167 -0.85 -29.23 15.52
CA SER A 167 -0.27 -28.50 16.66
C SER A 167 1.20 -28.86 16.96
N SER A 168 1.95 -29.27 15.93
CA SER A 168 3.31 -29.78 16.11
C SER A 168 4.02 -30.02 14.77
N ASN A 169 5.33 -30.25 14.83
CA ASN A 169 6.16 -30.55 13.66
C ASN A 169 6.66 -32.01 13.62
N ASP A 170 6.12 -32.85 14.51
CA ASP A 170 6.40 -34.29 14.51
C ASP A 170 5.43 -35.03 13.57
N LYS A 171 5.51 -36.35 13.54
CA LYS A 171 4.65 -37.17 12.67
C LYS A 171 3.33 -37.53 13.36
N ALA A 172 2.29 -37.67 12.56
CA ALA A 172 0.96 -38.11 13.02
C ALA A 172 0.96 -39.59 13.40
N LEU A 173 1.90 -40.36 12.82
CA LEU A 173 2.12 -41.74 13.23
C LEU A 173 2.60 -41.85 14.67
N GLY A 174 3.43 -40.89 15.12
CA GLY A 174 3.95 -40.87 16.50
C GLY A 174 2.91 -40.96 17.60
N LEU A 175 1.79 -40.25 17.41
CA LEU A 175 0.64 -40.36 18.33
C LEU A 175 -0.09 -41.71 18.21
N LEU A 176 -0.02 -42.33 17.03
CA LEU A 176 -0.72 -43.60 16.75
C LEU A 176 0.16 -44.85 16.78
N CYS A 177 1.49 -44.69 16.77
CA CYS A 177 2.44 -45.79 16.96
C CYS A 177 2.52 -46.25 18.42
N GLY A 178 2.18 -45.34 19.35
CA GLY A 178 2.33 -45.60 20.78
C GLY A 178 3.79 -45.62 21.22
N LYS A 179 4.65 -44.94 20.46
CA LYS A 179 6.09 -44.92 20.68
C LYS A 179 6.69 -43.79 19.83
N ASP A 180 8.01 -43.73 19.75
CA ASP A 180 8.70 -42.81 18.82
C ASP A 180 8.35 -43.09 17.34
N ALA A 181 8.08 -42.02 16.59
CA ALA A 181 7.64 -42.13 15.19
C ALA A 181 8.73 -42.65 14.23
N ASP A 182 9.98 -42.30 14.51
CA ASP A 182 11.12 -42.68 13.67
C ASP A 182 11.44 -44.19 13.68
N ALA A 183 11.26 -44.84 14.82
CA ALA A 183 11.57 -46.27 14.99
C ALA A 183 10.43 -47.21 14.60
N CYS A 184 9.17 -46.76 14.71
CA CYS A 184 8.02 -47.62 14.40
C CYS A 184 7.92 -47.89 12.88
N ASN A 185 8.08 -49.16 12.51
CA ASN A 185 7.99 -49.61 11.11
C ASN A 185 6.53 -49.68 10.66
N ALA A 186 6.34 -50.08 9.41
CA ALA A 186 5.01 -50.47 8.91
C ALA A 186 4.46 -51.66 9.70
N THR A 187 5.31 -52.67 9.89
CA THR A 187 4.88 -53.99 10.39
C THR A 187 4.42 -53.95 11.84
N ASN A 188 5.25 -53.38 12.71
CA ASN A 188 4.95 -53.27 14.14
C ASN A 188 3.81 -52.28 14.42
N TRP A 189 3.68 -51.26 13.57
CA TRP A 189 2.58 -50.29 13.67
C TRP A 189 1.22 -50.92 13.33
N ILE A 190 1.17 -51.75 12.29
CA ILE A 190 -0.04 -52.49 11.92
C ILE A 190 -0.38 -53.52 13.01
N GLU A 191 0.64 -54.14 13.59
CA GLU A 191 0.47 -54.99 14.78
C GLU A 191 -0.11 -54.20 15.96
N TYR A 192 0.44 -53.01 16.21
CA TYR A 192 -0.08 -52.12 17.27
C TYR A 192 -1.52 -51.64 16.99
N MET A 193 -1.85 -51.41 15.72
CA MET A 193 -3.21 -51.04 15.32
C MET A 193 -4.17 -52.21 15.53
N PHE A 194 -3.73 -53.42 15.19
CA PHE A 194 -4.53 -54.64 15.47
C PHE A 194 -4.58 -55.03 16.95
N ASN A 195 -3.62 -54.58 17.75
CA ASN A 195 -3.58 -54.89 19.19
C ASN A 195 -4.75 -54.23 19.93
N LYS A 196 -5.28 -54.95 20.93
CA LYS A 196 -6.38 -54.46 21.79
C LYS A 196 -5.94 -53.56 22.95
N ASP A 197 -4.62 -53.39 23.11
CA ASP A 197 -4.03 -52.57 24.19
C ASP A 197 -4.32 -51.08 24.02
N ASN A 198 -4.31 -50.59 22.77
CA ASN A 198 -4.54 -49.17 22.48
C ASN A 198 -5.91 -48.61 22.88
N GLY A 199 -6.93 -49.47 22.82
CA GLY A 199 -8.30 -49.12 23.24
C GLY A 199 -9.25 -48.71 22.11
N GLN A 200 -9.12 -49.37 20.96
CA GLN A 200 -10.06 -49.21 19.83
C GLN A 200 -10.61 -50.56 19.41
N ALA A 201 -9.71 -51.48 19.03
CA ALA A 201 -10.09 -52.83 18.62
C ALA A 201 -10.61 -53.65 19.81
N PRO A 202 -11.64 -54.50 19.58
CA PRO A 202 -12.15 -55.38 20.64
C PRO A 202 -11.18 -56.51 21.01
N PHE A 203 -10.55 -57.11 20.01
CA PHE A 203 -9.58 -58.19 20.22
C PHE A 203 -8.50 -58.19 19.13
N THR A 204 -7.44 -58.95 19.36
CA THR A 204 -6.27 -59.00 18.47
C THR A 204 -6.61 -59.73 17.17
N ILE A 205 -6.02 -59.26 16.07
CA ILE A 205 -6.10 -59.91 14.76
C ILE A 205 -4.66 -60.24 14.35
N THR A 206 -4.28 -61.51 14.43
CA THR A 206 -2.91 -61.94 14.14
C THR A 206 -2.61 -61.85 12.64
N PRO A 207 -1.65 -60.98 12.23
CA PRO A 207 -1.38 -60.82 10.80
C PRO A 207 -0.34 -61.80 10.26
N VAL A 208 -0.39 -62.04 8.95
CA VAL A 208 0.66 -62.76 8.22
C VAL A 208 1.13 -61.87 7.08
N PHE A 209 2.31 -61.26 7.25
CA PHE A 209 2.88 -60.36 6.24
C PHE A 209 3.61 -61.17 5.16
N SER A 210 2.90 -61.41 4.06
CA SER A 210 3.41 -62.15 2.91
C SER A 210 3.09 -61.43 1.60
N ASP A 211 3.65 -61.92 0.49
CA ASP A 211 3.32 -61.44 -0.86
C ASP A 211 3.00 -62.55 -1.86
N PHE A 212 2.88 -63.80 -1.40
CA PHE A 212 2.64 -64.95 -2.27
C PHE A 212 1.58 -65.87 -1.65
N PRO A 213 0.91 -66.70 -2.48
CA PRO A 213 0.02 -67.73 -1.93
C PRO A 213 0.75 -68.79 -1.11
N VAL A 214 0.45 -68.85 0.19
CA VAL A 214 1.07 -69.80 1.12
C VAL A 214 0.03 -70.80 1.62
N HIS A 215 0.11 -72.03 1.12
CA HIS A 215 -0.74 -73.15 1.55
C HIS A 215 -2.24 -72.93 1.32
N GLY A 216 -2.60 -72.76 0.05
CA GLY A 216 -4.00 -72.61 -0.36
C GLY A 216 -4.70 -71.33 0.08
N MET A 217 -3.92 -70.28 0.34
CA MET A 217 -4.45 -68.96 0.68
C MET A 217 -4.09 -67.97 -0.44
N GLU A 218 -4.97 -66.99 -0.65
CA GLU A 218 -4.70 -65.86 -1.53
C GLU A 218 -4.71 -64.60 -0.67
N PRO A 219 -3.53 -64.13 -0.21
CA PRO A 219 -3.45 -62.90 0.60
C PRO A 219 -3.91 -61.65 -0.14
N MET A 220 -4.38 -60.65 0.62
CA MET A 220 -4.90 -59.41 0.06
C MET A 220 -3.79 -58.58 -0.57
N ASN A 221 -3.84 -58.44 -1.89
CA ASN A 221 -2.97 -57.53 -2.64
C ASN A 221 -3.86 -56.65 -3.52
N ASN A 222 -4.78 -55.94 -2.87
CA ASN A 222 -5.69 -55.02 -3.57
C ASN A 222 -4.92 -53.78 -3.99
N ALA A 223 -5.35 -53.17 -5.09
CA ALA A 223 -4.63 -52.05 -5.70
C ALA A 223 -4.64 -50.81 -4.79
N THR A 224 -3.52 -50.09 -4.80
CA THR A 224 -3.33 -48.90 -3.97
C THR A 224 -2.85 -47.72 -4.79
N LYS A 225 -2.91 -46.54 -4.18
CA LYS A 225 -2.41 -45.30 -4.76
C LYS A 225 -1.65 -44.52 -3.70
N GLY A 226 -0.40 -44.16 -4.01
CA GLY A 226 0.44 -43.38 -3.09
C GLY A 226 -0.02 -41.94 -2.96
N CYS A 227 0.44 -41.28 -1.89
CA CYS A 227 -0.03 -39.93 -1.54
C CYS A 227 0.28 -38.86 -2.58
N ASP A 228 1.29 -39.09 -3.43
CA ASP A 228 1.57 -38.24 -4.59
C ASP A 228 0.46 -38.31 -5.64
N GLU A 229 -0.19 -39.47 -5.75
CA GLU A 229 -1.23 -39.71 -6.77
C GLU A 229 -2.64 -39.60 -6.20
N SER A 230 -3.54 -39.00 -6.99
CA SER A 230 -4.94 -38.81 -6.57
C SER A 230 -5.81 -40.02 -6.93
N VAL A 231 -6.89 -40.19 -6.17
CA VAL A 231 -7.89 -41.23 -6.42
C VAL A 231 -9.02 -40.76 -7.35
N ASP A 232 -9.23 -39.45 -7.40
CA ASP A 232 -10.31 -38.83 -8.19
C ASP A 232 -9.87 -37.44 -8.66
N GLU A 233 -10.70 -36.79 -9.48
CA GLU A 233 -10.43 -35.43 -9.96
C GLU A 233 -10.54 -34.40 -8.82
N VAL A 234 -11.66 -34.44 -8.12
CA VAL A 234 -11.92 -33.52 -6.99
C VAL A 234 -10.94 -33.70 -5.83
N THR A 235 -10.45 -34.92 -5.64
CA THR A 235 -9.39 -35.20 -4.66
C THR A 235 -8.07 -34.66 -5.21
N ALA A 236 -7.59 -33.56 -4.64
CA ALA A 236 -6.31 -32.96 -5.05
C ALA A 236 -5.15 -33.84 -4.60
N PRO A 237 -4.02 -33.82 -5.34
CA PRO A 237 -2.82 -34.49 -4.82
C PRO A 237 -2.37 -33.85 -3.52
N CYS A 238 -2.08 -34.68 -2.51
CA CYS A 238 -1.71 -34.19 -1.18
C CYS A 238 -0.48 -33.30 -1.25
N SER A 239 -0.69 -31.99 -1.07
CA SER A 239 0.36 -30.98 -1.20
C SER A 239 1.53 -31.26 -0.25
N CYS A 240 2.74 -30.90 -0.68
CA CYS A 240 3.96 -31.45 -0.07
C CYS A 240 4.34 -30.95 1.33
N GLN A 241 3.39 -30.36 2.07
CA GLN A 241 3.53 -30.16 3.52
C GLN A 241 3.50 -31.49 4.29
N ASP A 242 2.85 -32.52 3.72
CA ASP A 242 2.82 -33.88 4.30
C ASP A 242 3.41 -35.01 3.42
N CYS A 243 3.70 -34.72 2.15
CA CYS A 243 4.38 -35.67 1.27
C CYS A 243 5.40 -34.94 0.39
N SER A 244 6.61 -34.80 0.89
CA SER A 244 7.70 -34.10 0.19
C SER A 244 8.56 -35.07 -0.66
N ILE A 245 7.89 -35.98 -1.37
CA ILE A 245 8.57 -36.90 -2.28
C ILE A 245 8.82 -36.18 -3.60
N VAL A 246 7.74 -35.67 -4.20
CA VAL A 246 7.80 -34.98 -5.50
C VAL A 246 7.05 -33.65 -5.51
N CYS A 247 7.72 -32.62 -5.01
CA CYS A 247 7.36 -31.24 -5.30
C CYS A 247 8.65 -30.46 -5.56
N GLY A 248 8.63 -29.58 -6.55
CA GLY A 248 9.81 -28.82 -6.94
C GLY A 248 10.25 -27.85 -5.86
N PRO A 249 11.55 -27.50 -5.83
CA PRO A 249 12.05 -26.61 -4.77
C PRO A 249 11.53 -25.18 -4.92
N LYS A 250 11.67 -24.39 -3.86
CA LYS A 250 11.28 -22.98 -3.87
C LYS A 250 12.11 -22.23 -4.90
N PRO A 251 11.49 -21.80 -6.03
CA PRO A 251 12.27 -21.21 -7.12
C PRO A 251 12.77 -19.81 -6.78
N GLN A 252 13.80 -19.37 -7.50
CA GLN A 252 14.37 -18.04 -7.30
C GLN A 252 14.70 -17.38 -8.64
N PRO A 253 13.67 -16.88 -9.35
CA PRO A 253 13.88 -15.97 -10.48
C PRO A 253 13.77 -14.47 -10.13
N PRO A 254 14.51 -14.00 -9.11
CA PRO A 254 15.05 -12.65 -9.23
C PRO A 254 16.41 -12.68 -9.94
N PRO A 255 16.45 -12.20 -11.22
CA PRO A 255 17.73 -11.84 -11.83
C PRO A 255 18.03 -10.35 -11.60
N PRO A 256 19.05 -10.04 -10.77
CA PRO A 256 19.45 -8.63 -10.65
C PRO A 256 20.12 -8.13 -11.93
N PRO A 257 19.63 -7.02 -12.51
CA PRO A 257 20.31 -6.44 -13.67
C PRO A 257 21.63 -5.75 -13.28
N ALA A 258 22.39 -5.31 -14.28
CA ALA A 258 23.74 -4.78 -14.08
C ALA A 258 23.76 -3.25 -14.04
N PRO A 259 24.01 -2.64 -12.86
CA PRO A 259 24.31 -1.21 -12.79
C PRO A 259 25.80 -0.94 -13.03
N TRP A 260 26.23 0.30 -12.78
CA TRP A 260 27.65 0.69 -12.78
C TRP A 260 28.34 0.62 -14.16
N THR A 261 27.55 0.80 -15.22
CA THR A 261 28.06 0.76 -16.59
C THR A 261 28.52 2.15 -17.06
N ILE A 262 27.67 3.16 -16.82
CA ILE A 262 27.89 4.53 -17.29
C ILE A 262 27.95 5.47 -16.06
N LEU A 263 28.86 5.15 -15.13
CA LEU A 263 28.98 5.87 -13.84
C LEU A 263 29.49 7.31 -14.00
N GLY A 264 30.78 7.44 -14.26
CA GLY A 264 31.44 8.71 -14.57
C GLY A 264 32.42 8.54 -15.71
N LEU A 265 32.13 7.62 -16.61
CA LEU A 265 32.94 7.37 -17.80
C LEU A 265 32.69 8.45 -18.86
N ASP A 266 31.48 9.00 -18.87
CA ASP A 266 31.11 10.13 -19.73
C ASP A 266 30.97 11.45 -18.94
N ALA A 267 31.62 11.53 -17.78
CA ALA A 267 31.65 12.75 -16.95
C ALA A 267 33.09 13.22 -16.75
N MET A 268 33.92 12.36 -16.18
CA MET A 268 35.35 12.66 -15.99
C MET A 268 36.18 12.59 -17.28
N TYR A 269 35.65 11.96 -18.34
CA TYR A 269 36.31 11.92 -19.65
C TYR A 269 35.55 12.68 -20.76
N VAL A 270 34.56 13.49 -20.38
CA VAL A 270 33.95 14.49 -21.26
C VAL A 270 34.45 15.91 -20.93
N ILE A 271 34.71 16.18 -19.65
CA ILE A 271 35.34 17.42 -19.20
C ILE A 271 36.81 17.57 -19.65
N MET A 272 37.47 16.44 -19.94
CA MET A 272 38.84 16.48 -20.47
C MET A 272 38.93 17.13 -21.85
N TRP A 273 37.88 16.97 -22.66
CA TRP A 273 37.75 17.68 -23.94
C TRP A 273 37.48 19.18 -23.72
N ILE A 274 36.72 19.51 -22.66
CA ILE A 274 36.53 20.89 -22.21
C ILE A 274 37.83 21.54 -21.76
N THR A 275 38.64 20.82 -20.98
CA THR A 275 39.98 21.30 -20.58
C THR A 275 41.03 21.24 -21.72
N TYR A 276 40.59 20.88 -22.94
CA TYR A 276 41.43 20.89 -24.15
C TYR A 276 40.97 21.96 -25.16
N MET A 277 39.66 22.06 -25.40
CA MET A 277 39.10 23.11 -26.27
C MET A 277 39.23 24.51 -25.66
N ALA A 278 39.03 24.61 -24.34
CA ALA A 278 39.27 25.86 -23.60
C ALA A 278 40.76 26.13 -23.29
N PHE A 279 41.62 25.13 -23.54
CA PHE A 279 43.08 25.27 -23.39
C PHE A 279 43.78 25.82 -24.64
N LEU A 280 43.19 25.65 -25.82
CA LEU A 280 43.74 26.22 -27.05
C LEU A 280 43.82 27.74 -27.00
N LEU A 281 42.82 28.38 -26.39
CA LEU A 281 42.83 29.83 -26.13
C LEU A 281 44.01 30.31 -25.27
N VAL A 282 44.52 29.45 -24.39
CA VAL A 282 45.78 29.70 -23.68
C VAL A 282 47.00 29.67 -24.62
N PHE A 283 46.94 28.86 -25.68
CA PHE A 283 48.01 28.75 -26.69
C PHE A 283 47.77 29.56 -27.98
N PHE A 284 46.58 30.15 -28.13
CA PHE A 284 46.24 30.93 -29.33
C PHE A 284 46.91 32.31 -29.38
N GLY A 285 47.44 32.78 -28.25
CA GLY A 285 48.20 34.02 -28.19
C GLY A 285 49.48 34.03 -29.02
N ALA A 286 50.08 32.85 -29.21
CA ALA A 286 51.28 32.71 -30.05
C ALA A 286 50.94 32.89 -31.53
N PHE A 287 51.01 34.13 -32.00
CA PHE A 287 50.70 34.48 -33.40
C PHE A 287 51.95 34.37 -34.27
N CYS A 334 10.80 51.22 -31.55
CA CYS A 334 9.41 50.79 -31.68
C CYS A 334 8.59 50.81 -30.37
N LEU A 335 9.26 50.75 -29.21
CA LEU A 335 8.59 50.57 -27.90
C LEU A 335 8.60 51.77 -26.94
N ARG A 336 9.51 52.73 -27.14
CA ARG A 336 9.61 53.91 -26.24
C ARG A 336 8.44 54.88 -26.38
N ARG A 337 8.02 55.10 -27.63
CA ARG A 337 6.85 55.93 -27.97
C ARG A 337 5.56 55.53 -27.25
N LEU A 338 5.37 54.23 -27.04
CA LEU A 338 4.15 53.68 -26.43
C LEU A 338 4.16 53.59 -24.89
N PHE A 339 5.34 53.74 -24.26
CA PHE A 339 5.44 53.82 -22.78
C PHE A 339 5.71 55.23 -22.26
N THR A 340 6.48 56.04 -22.99
CA THR A 340 6.68 57.46 -22.65
C THR A 340 5.34 58.20 -22.63
N ARG A 341 4.53 57.96 -23.67
CA ARG A 341 3.18 58.53 -23.77
C ARG A 341 2.22 58.05 -22.67
N TRP A 342 2.41 56.83 -22.19
CA TRP A 342 1.68 56.32 -21.03
C TRP A 342 2.14 57.01 -19.75
N GLY A 343 3.45 57.00 -19.53
CA GLY A 343 4.07 57.64 -18.38
C GLY A 343 3.81 59.14 -18.27
N SER A 344 3.63 59.80 -19.41
CA SER A 344 3.25 61.22 -19.42
C SER A 344 1.89 61.45 -18.76
N PHE A 345 0.87 60.72 -19.21
CA PHE A 345 -0.49 60.80 -18.66
C PHE A 345 -0.54 60.39 -17.18
N CYS A 346 0.26 59.39 -16.81
CA CYS A 346 0.36 58.95 -15.41
C CYS A 346 0.89 60.04 -14.47
N VAL A 347 1.80 60.89 -14.97
CA VAL A 347 2.36 62.00 -14.21
C VAL A 347 1.54 63.29 -14.33
N ARG A 348 0.88 63.51 -15.47
CA ARG A 348 0.04 64.71 -15.66
C ARG A 348 -1.16 64.78 -14.70
N ASN A 349 -1.84 63.65 -14.51
CA ASN A 349 -2.97 63.55 -13.59
C ASN A 349 -2.88 62.24 -12.79
N PRO A 350 -2.16 62.25 -11.65
CA PRO A 350 -2.12 61.09 -10.74
C PRO A 350 -3.21 61.09 -9.65
N GLY A 351 -4.38 61.67 -9.94
CA GLY A 351 -5.53 61.69 -9.04
C GLY A 351 -6.53 60.58 -9.34
N CYS A 352 -6.89 60.43 -10.61
CA CYS A 352 -7.88 59.43 -11.05
C CYS A 352 -7.29 58.02 -11.17
N VAL A 353 -6.12 57.92 -11.78
CA VAL A 353 -5.47 56.62 -12.05
C VAL A 353 -5.19 55.80 -10.78
N ILE A 354 -4.97 56.47 -9.65
CA ILE A 354 -4.84 55.81 -8.35
C ILE A 354 -6.22 55.33 -7.88
N PHE A 355 -7.27 56.11 -8.14
CA PHE A 355 -8.64 55.69 -7.84
C PHE A 355 -9.10 54.50 -8.69
N PHE A 356 -8.67 54.45 -9.95
CA PHE A 356 -8.98 53.29 -10.82
C PHE A 356 -8.22 51.99 -10.46
N SER A 357 -7.19 52.08 -9.63
CA SER A 357 -6.48 50.89 -9.11
C SER A 357 -7.24 50.24 -7.95
N LEU A 358 -7.54 51.04 -6.93
CA LEU A 358 -8.17 50.56 -5.67
C LEU A 358 -9.55 49.95 -5.91
N VAL A 359 -10.35 50.60 -6.75
CA VAL A 359 -11.70 50.12 -7.09
C VAL A 359 -11.62 48.77 -7.82
N PHE A 360 -10.76 48.71 -8.84
CA PHE A 360 -10.54 47.50 -9.63
C PHE A 360 -10.00 46.34 -8.77
N ILE A 361 -9.07 46.64 -7.87
CA ILE A 361 -8.57 45.64 -6.93
C ILE A 361 -9.69 45.19 -5.98
N THR A 362 -10.21 46.13 -5.20
CA THR A 362 -11.25 45.84 -4.19
C THR A 362 -12.49 45.15 -4.78
N ALA A 363 -12.84 45.47 -6.03
CA ALA A 363 -13.88 44.72 -6.75
C ALA A 363 -13.46 43.28 -7.03
N CYS A 364 -12.23 43.11 -7.53
CA CYS A 364 -11.69 41.78 -7.85
C CYS A 364 -11.12 41.00 -6.65
N SER A 365 -10.97 41.69 -5.50
CA SER A 365 -10.51 41.07 -4.26
C SER A 365 -11.58 41.07 -3.16
N SER A 366 -12.85 41.08 -3.56
CA SER A 366 -14.00 40.88 -2.66
C SER A 366 -14.71 39.54 -2.88
N GLY A 367 -14.37 38.83 -3.95
CA GLY A 367 -14.92 37.50 -4.23
C GLY A 367 -14.34 36.37 -3.40
N LEU A 368 -13.22 36.61 -2.71
CA LEU A 368 -12.60 35.58 -1.87
C LEU A 368 -13.50 35.15 -0.71
N VAL A 369 -14.16 36.10 -0.06
CA VAL A 369 -15.06 35.80 1.08
C VAL A 369 -16.31 35.00 0.68
N PHE A 370 -16.67 35.02 -0.60
CA PHE A 370 -17.75 34.18 -1.15
C PHE A 370 -17.42 32.68 -1.13
N VAL A 371 -16.14 32.32 -1.30
CA VAL A 371 -15.70 30.91 -1.39
C VAL A 371 -14.58 30.58 -0.38
N ARG A 372 -13.40 31.17 -0.57
CA ARG A 372 -12.18 30.93 0.24
C ARG A 372 -11.92 29.47 0.66
N VAL A 373 -12.29 28.53 -0.21
CA VAL A 373 -12.34 27.12 0.16
C VAL A 373 -10.96 26.49 0.00
N THR A 374 -10.62 25.62 0.95
CA THR A 374 -9.37 24.86 0.91
C THR A 374 -9.70 23.38 1.10
N THR A 375 -9.00 22.53 0.34
CA THR A 375 -9.21 21.09 0.38
C THR A 375 -8.14 20.44 1.24
N ASN A 376 -8.55 19.79 2.33
CA ASN A 376 -7.65 18.98 3.14
C ASN A 376 -8.26 17.63 3.54
N PRO A 377 -8.61 16.82 2.53
CA PRO A 377 -8.45 15.38 2.70
C PRO A 377 -7.04 15.02 2.23
N VAL A 378 -6.70 13.75 2.29
CA VAL A 378 -5.38 13.29 1.86
C VAL A 378 -5.37 13.06 0.34
N ASP A 379 -6.49 12.59 -0.21
CA ASP A 379 -6.61 12.34 -1.66
C ASP A 379 -6.88 13.61 -2.49
N LEU A 380 -5.87 14.49 -2.50
CA LEU A 380 -5.83 15.67 -3.36
C LEU A 380 -4.65 15.60 -4.33
N TRP A 381 -4.05 14.41 -4.46
CA TRP A 381 -2.81 14.20 -5.23
C TRP A 381 -3.03 13.35 -6.50
N SER A 382 -4.26 13.34 -7.02
CA SER A 382 -4.56 12.69 -8.30
C SER A 382 -5.83 13.28 -8.89
N ALA A 383 -5.83 13.49 -10.20
CA ALA A 383 -6.97 14.07 -10.90
C ALA A 383 -8.14 13.08 -10.91
N PRO A 384 -9.38 13.58 -10.70
CA PRO A 384 -10.53 12.67 -10.64
C PRO A 384 -10.86 11.90 -11.94
N SER A 385 -10.20 12.23 -13.06
CA SER A 385 -10.24 11.43 -14.28
C SER A 385 -8.98 10.57 -14.51
N SER A 386 -8.09 10.47 -13.52
CA SER A 386 -6.91 9.60 -13.62
C SER A 386 -7.30 8.12 -13.41
N GLN A 387 -6.40 7.24 -13.84
CA GLN A 387 -6.63 5.79 -13.81
C GLN A 387 -6.74 5.23 -12.39
N ALA A 388 -5.99 5.79 -11.45
CA ALA A 388 -6.01 5.36 -10.05
C ALA A 388 -7.40 5.54 -9.42
N ARG A 389 -7.92 6.76 -9.53
CA ARG A 389 -9.26 7.08 -9.03
C ARG A 389 -10.38 6.48 -9.91
N LEU A 390 -10.08 6.25 -11.19
CA LEU A 390 -10.99 5.47 -12.05
C LEU A 390 -11.16 4.03 -11.53
N GLU A 391 -10.07 3.45 -11.00
CA GLU A 391 -10.12 2.14 -10.33
C GLU A 391 -10.78 2.23 -8.95
N LYS A 392 -10.45 3.27 -8.17
CA LYS A 392 -11.01 3.45 -6.82
C LYS A 392 -12.52 3.71 -6.84
N GLU A 393 -12.99 4.53 -7.78
CA GLU A 393 -14.43 4.84 -7.90
C GLU A 393 -15.28 3.69 -8.49
N TYR A 394 -14.68 2.51 -8.65
CA TYR A 394 -15.43 1.26 -8.82
C TYR A 394 -16.01 0.76 -7.47
N PHE A 395 -15.52 1.30 -6.34
CA PHE A 395 -15.92 0.86 -4.99
C PHE A 395 -16.91 1.79 -4.27
N ASP A 396 -17.72 2.54 -5.02
CA ASP A 396 -18.87 3.27 -4.44
C ASP A 396 -20.20 2.54 -4.67
N GLN A 397 -20.31 1.82 -5.78
CA GLN A 397 -21.53 1.12 -6.18
C GLN A 397 -21.47 -0.41 -6.01
N HIS A 398 -20.30 -1.02 -6.27
CA HIS A 398 -20.20 -2.47 -6.45
C HIS A 398 -20.24 -3.28 -5.14
N PHE A 399 -19.19 -3.19 -4.32
CA PHE A 399 -19.21 -3.82 -2.98
C PHE A 399 -18.61 -2.91 -1.90
N GLY A 400 -19.04 -1.65 -1.92
CA GLY A 400 -18.76 -0.72 -0.83
C GLY A 400 -17.32 -0.29 -0.68
N PRO A 401 -17.01 0.45 0.40
CA PRO A 401 -15.72 1.09 0.64
C PRO A 401 -14.62 0.12 1.05
N PHE A 402 -13.43 0.66 1.32
CA PHE A 402 -12.39 -0.06 2.03
C PHE A 402 -12.40 0.38 3.49
N PHE A 403 -12.33 -0.59 4.41
CA PHE A 403 -12.42 -0.31 5.85
C PHE A 403 -11.14 0.30 6.41
N ARG A 404 -11.28 1.24 7.34
CA ARG A 404 -10.14 1.81 8.06
C ARG A 404 -9.61 0.81 9.08
N THR A 405 -8.35 0.99 9.45
CA THR A 405 -7.73 0.23 10.53
C THR A 405 -7.58 1.13 11.77
N GLU A 406 -7.42 0.49 12.93
CA GLU A 406 -7.12 1.18 14.19
C GLU A 406 -6.10 0.35 14.94
N GLN A 407 -4.84 0.42 14.51
CA GLN A 407 -3.81 -0.48 15.01
C GLN A 407 -3.24 -0.01 16.34
N LEU A 408 -2.86 -0.99 17.16
CA LEU A 408 -2.37 -0.75 18.51
C LEU A 408 -1.41 -1.87 18.88
N ILE A 409 -0.11 -1.57 18.77
CA ILE A 409 0.95 -2.57 18.95
C ILE A 409 1.35 -2.62 20.43
N ILE A 410 1.35 -3.83 20.99
CA ILE A 410 1.67 -4.08 22.39
C ILE A 410 2.90 -4.98 22.51
N ARG A 411 3.83 -4.60 23.39
CA ARG A 411 4.99 -5.42 23.73
C ARG A 411 5.46 -5.15 25.16
N ALA A 412 6.14 -6.12 25.76
CA ALA A 412 6.60 -6.06 27.14
C ALA A 412 8.10 -6.37 27.23
N PRO A 413 8.93 -5.35 27.49
CA PRO A 413 10.37 -5.59 27.69
C PRO A 413 10.72 -6.15 29.07
N LEU A 414 9.83 -5.97 30.04
CA LEU A 414 10.06 -6.40 31.42
C LEU A 414 10.04 -7.91 31.58
N THR A 415 9.05 -8.56 30.95
CA THR A 415 8.89 -10.02 31.02
C THR A 415 9.99 -10.72 30.22
N ASP A 416 10.48 -11.83 30.77
CA ASP A 416 11.56 -12.62 30.16
C ASP A 416 10.99 -13.74 29.30
N LYS A 417 11.87 -14.54 28.71
CA LYS A 417 11.47 -15.72 27.94
C LYS A 417 10.80 -16.79 28.79
N HIS A 418 10.12 -17.72 28.12
CA HIS A 418 9.50 -18.87 28.78
C HIS A 418 9.68 -20.14 27.95
N ILE A 419 9.81 -21.27 28.63
CA ILE A 419 9.94 -22.58 27.98
C ILE A 419 8.79 -23.48 28.44
N TYR A 420 8.12 -24.12 27.49
CA TYR A 420 7.03 -25.06 27.74
C TYR A 420 7.50 -26.48 27.42
N GLN A 421 7.07 -27.43 28.26
CA GLN A 421 7.35 -28.86 28.07
C GLN A 421 6.02 -29.62 28.01
N PRO A 422 5.67 -30.18 26.82
CA PRO A 422 4.41 -30.93 26.71
C PRO A 422 4.47 -32.31 27.37
N TYR A 423 3.30 -32.84 27.73
CA TYR A 423 3.23 -34.00 28.63
C TYR A 423 3.54 -35.36 27.97
N PRO A 424 2.71 -35.81 26.99
CA PRO A 424 2.86 -37.20 26.52
C PRO A 424 4.20 -37.47 25.82
N SER A 425 4.55 -36.61 24.86
CA SER A 425 5.86 -36.63 24.20
C SER A 425 6.67 -35.43 24.63
N GLY A 426 7.99 -35.56 24.57
CA GLY A 426 8.93 -34.49 24.94
C GLY A 426 9.40 -33.70 23.74
N ALA A 427 8.76 -32.56 23.51
CA ALA A 427 9.13 -31.61 22.46
C ALA A 427 8.93 -30.19 23.01
N ASP A 428 9.93 -29.72 23.74
CA ASP A 428 9.86 -28.42 24.41
C ASP A 428 9.76 -27.25 23.42
N VAL A 429 9.00 -26.22 23.80
CA VAL A 429 8.73 -25.06 22.92
C VAL A 429 8.89 -23.76 23.71
N PRO A 430 9.74 -22.82 23.22
CA PRO A 430 9.87 -21.53 23.89
C PRO A 430 8.80 -20.51 23.48
N PHE A 431 8.07 -20.00 24.46
CA PHE A 431 7.17 -18.86 24.26
C PHE A 431 7.93 -17.56 24.55
N GLY A 432 7.68 -16.54 23.73
CA GLY A 432 8.29 -15.22 23.93
C GLY A 432 7.73 -14.45 25.11
N PRO A 433 8.15 -13.17 25.28
CA PRO A 433 7.69 -12.33 26.39
C PRO A 433 6.19 -12.00 26.49
N PRO A 434 5.57 -11.46 25.42
CA PRO A 434 4.28 -10.77 25.57
C PRO A 434 3.04 -11.67 25.72
N LEU A 435 3.17 -12.96 25.48
CA LEU A 435 2.01 -13.88 25.44
C LEU A 435 1.90 -14.82 26.65
N ASP A 436 2.48 -14.41 27.79
CA ASP A 436 2.31 -15.13 29.05
C ASP A 436 1.05 -14.64 29.77
N ILE A 437 0.42 -15.56 30.51
CA ILE A 437 -0.86 -15.31 31.18
C ILE A 437 -0.84 -14.08 32.11
N GLN A 438 0.28 -13.88 32.81
CA GLN A 438 0.44 -12.72 33.71
C GLN A 438 0.61 -11.38 32.95
N ILE A 439 0.73 -11.44 31.62
CA ILE A 439 0.55 -10.28 30.75
C ILE A 439 -0.84 -10.29 30.10
N LEU A 440 -1.26 -11.45 29.57
CA LEU A 440 -2.50 -11.54 28.78
C LEU A 440 -3.79 -11.10 29.50
N HIS A 441 -3.84 -11.29 30.82
CA HIS A 441 -4.93 -10.72 31.64
C HIS A 441 -5.00 -9.20 31.50
N GLN A 442 -3.83 -8.56 31.56
CA GLN A 442 -3.74 -7.08 31.47
C GLN A 442 -4.00 -6.61 30.04
N VAL A 443 -3.61 -7.43 29.06
CA VAL A 443 -3.94 -7.18 27.65
C VAL A 443 -5.46 -7.26 27.45
N LEU A 444 -6.08 -8.29 28.04
CA LEU A 444 -7.55 -8.45 27.97
C LEU A 444 -8.29 -7.33 28.72
N ASP A 445 -7.73 -6.89 29.85
CA ASP A 445 -8.30 -5.76 30.61
C ASP A 445 -8.36 -4.50 29.74
N LEU A 446 -7.22 -4.16 29.13
CA LEU A 446 -7.15 -3.05 28.17
C LEU A 446 -8.06 -3.28 26.97
N GLN A 447 -8.10 -4.52 26.49
CA GLN A 447 -8.98 -4.92 25.38
C GLN A 447 -10.44 -4.61 25.65
N ILE A 448 -10.95 -5.11 26.79
CA ILE A 448 -12.34 -4.90 27.18
C ILE A 448 -12.59 -3.44 27.60
N ALA A 449 -11.57 -2.77 28.14
CA ALA A 449 -11.68 -1.34 28.49
C ALA A 449 -11.92 -0.41 27.29
N ILE A 450 -11.36 -0.76 26.12
CA ILE A 450 -11.51 0.08 24.92
C ILE A 450 -12.92 -0.02 24.29
N GLU A 451 -13.57 -1.18 24.38
CA GLU A 451 -14.97 -1.32 23.94
C GLU A 451 -15.99 -0.64 24.86
N ASN A 452 -15.57 -0.22 26.06
CA ASN A 452 -16.39 0.56 26.98
C ASN A 452 -16.18 2.09 26.80
N ILE A 453 -15.89 2.52 25.57
CA ILE A 453 -15.61 3.92 25.27
C ILE A 453 -16.74 4.47 24.42
N THR A 454 -17.29 5.60 24.86
CA THR A 454 -18.34 6.31 24.13
C THR A 454 -17.92 7.75 23.84
N ALA A 455 -18.53 8.31 22.81
CA ALA A 455 -18.35 9.72 22.45
C ALA A 455 -19.74 10.34 22.20
N SER A 456 -19.76 11.62 21.86
CA SER A 456 -21.00 12.34 21.57
C SER A 456 -20.97 12.92 20.16
N TYR A 457 -22.02 12.66 19.38
CA TYR A 457 -22.23 13.34 18.09
C TYR A 457 -23.65 13.90 18.04
N ASP A 458 -23.76 15.18 17.65
CA ASP A 458 -25.04 15.91 17.63
C ASP A 458 -25.79 15.82 18.96
N ASN A 459 -25.03 15.78 20.06
CA ASN A 459 -25.52 15.50 21.41
C ASN A 459 -26.33 14.18 21.50
N GLU A 460 -25.77 13.12 20.91
CA GLU A 460 -26.21 11.74 21.18
C GLU A 460 -24.97 10.87 21.35
N THR A 461 -25.09 9.90 22.25
CA THR A 461 -24.00 8.96 22.55
C THR A 461 -23.69 8.07 21.35
N VAL A 462 -22.42 7.70 21.20
CA VAL A 462 -22.00 6.73 20.19
C VAL A 462 -21.10 5.67 20.82
N THR A 463 -21.37 4.41 20.50
CA THR A 463 -20.58 3.27 20.98
C THR A 463 -19.88 2.62 19.78
N LEU A 464 -19.09 1.58 20.04
CA LEU A 464 -18.31 0.91 18.99
C LEU A 464 -19.18 0.08 18.03
N GLN A 465 -20.19 -0.59 18.57
CA GLN A 465 -21.03 -1.53 17.80
C GLN A 465 -21.83 -0.88 16.65
N ASP A 466 -22.10 0.42 16.75
CA ASP A 466 -22.77 1.17 15.67
C ASP A 466 -21.83 1.64 14.54
N ILE A 467 -20.52 1.62 14.79
CA ILE A 467 -19.53 2.06 13.79
C ILE A 467 -18.68 0.91 13.23
N CYS A 468 -18.24 -0.02 14.08
CA CYS A 468 -17.41 -1.14 13.62
C CYS A 468 -18.26 -2.14 12.84
N LEU A 469 -17.67 -2.77 11.83
CA LEU A 469 -18.38 -3.76 11.02
C LEU A 469 -18.55 -5.09 11.77
N ALA A 470 -19.65 -5.78 11.46
CA ALA A 470 -19.85 -7.17 11.82
C ALA A 470 -19.97 -7.93 10.49
N PRO A 471 -19.01 -8.84 10.19
CA PRO A 471 -19.04 -9.52 8.88
C PRO A 471 -20.33 -10.29 8.59
N LEU A 472 -20.95 -10.83 9.64
CA LEU A 472 -22.33 -11.30 9.58
C LEU A 472 -23.12 -10.50 10.63
N SER A 473 -23.92 -9.54 10.16
CA SER A 473 -24.53 -8.53 11.04
C SER A 473 -25.89 -8.89 11.68
N PRO A 474 -26.87 -9.37 10.88
CA PRO A 474 -28.21 -9.54 11.48
C PRO A 474 -28.34 -10.73 12.44
N TYR A 475 -27.46 -11.74 12.31
CA TYR A 475 -27.48 -12.90 13.21
C TYR A 475 -27.01 -12.53 14.61
N ASN A 476 -25.77 -12.06 14.73
CA ASN A 476 -25.24 -11.52 15.98
C ASN A 476 -24.39 -10.27 15.74
N THR A 477 -24.19 -9.49 16.80
CA THR A 477 -23.48 -8.20 16.71
C THR A 477 -22.32 -8.14 17.71
N ASN A 478 -21.51 -9.21 17.74
CA ASN A 478 -20.19 -9.15 18.36
C ASN A 478 -19.30 -8.36 17.41
N CYS A 479 -18.74 -7.24 17.89
CA CYS A 479 -17.80 -6.45 17.10
C CYS A 479 -16.52 -7.24 16.83
N THR A 480 -15.88 -6.94 15.70
CA THR A 480 -14.68 -7.67 15.27
C THR A 480 -13.40 -7.06 15.87
N ILE A 481 -12.60 -7.91 16.51
CA ILE A 481 -11.30 -7.54 17.07
C ILE A 481 -10.32 -8.64 16.69
N LEU A 482 -9.21 -8.26 16.07
CA LEU A 482 -8.19 -9.23 15.62
C LEU A 482 -7.06 -9.36 16.65
N SER A 483 -7.45 -9.62 17.90
CA SER A 483 -6.50 -9.83 18.98
C SER A 483 -6.16 -11.30 19.01
N VAL A 484 -5.07 -11.65 19.68
CA VAL A 484 -4.72 -13.05 19.92
C VAL A 484 -5.73 -13.68 20.89
N LEU A 485 -6.28 -12.86 21.78
CA LEU A 485 -7.27 -13.31 22.77
C LEU A 485 -8.64 -13.63 22.16
N ASN A 486 -8.85 -13.20 20.91
CA ASN A 486 -9.97 -13.67 20.12
C ASN A 486 -9.81 -15.15 19.70
N TYR A 487 -8.61 -15.72 19.81
CA TYR A 487 -8.47 -17.19 19.80
C TYR A 487 -9.12 -17.78 21.06
N PHE A 488 -8.95 -17.10 22.19
CA PHE A 488 -9.61 -17.45 23.44
C PHE A 488 -10.95 -16.72 23.66
N GLN A 489 -11.55 -16.19 22.59
CA GLN A 489 -12.90 -15.58 22.62
C GLN A 489 -13.08 -14.40 23.59
N ASN A 490 -11.98 -13.77 23.99
CA ASN A 490 -11.98 -12.61 24.89
C ASN A 490 -12.75 -12.88 26.20
N SER A 491 -12.27 -13.83 26.97
CA SER A 491 -12.85 -14.18 28.28
C SER A 491 -11.77 -14.63 29.26
N HIS A 492 -12.08 -14.47 30.55
CA HIS A 492 -11.15 -14.82 31.64
C HIS A 492 -11.24 -16.28 32.04
N SER A 493 -12.47 -16.79 32.17
CA SER A 493 -12.72 -18.17 32.63
C SER A 493 -12.21 -19.25 31.67
N VAL A 494 -12.19 -18.94 30.38
CA VAL A 494 -11.68 -19.85 29.35
C VAL A 494 -10.14 -19.98 29.33
N LEU A 495 -9.44 -18.98 29.88
CA LEU A 495 -7.97 -18.98 29.92
C LEU A 495 -7.39 -20.11 30.76
N ASP A 496 -7.93 -20.27 31.97
CA ASP A 496 -7.37 -21.20 32.98
C ASP A 496 -8.09 -22.56 33.02
N HIS A 497 -8.40 -23.12 31.85
CA HIS A 497 -8.89 -24.50 31.76
C HIS A 497 -7.74 -25.48 31.90
N LYS A 498 -7.34 -25.73 33.15
CA LYS A 498 -6.29 -26.69 33.46
C LYS A 498 -6.89 -28.08 33.49
N LYS A 499 -6.47 -28.93 32.56
CA LYS A 499 -6.97 -30.30 32.47
C LYS A 499 -5.97 -31.25 33.14
N GLY A 500 -6.39 -31.85 34.26
CA GLY A 500 -5.55 -32.75 35.05
C GLY A 500 -5.59 -32.43 36.53
N ASP A 501 -4.80 -33.18 37.29
CA ASP A 501 -4.71 -33.00 38.76
C ASP A 501 -3.66 -31.94 39.13
N ASP A 502 -3.51 -31.70 40.43
CA ASP A 502 -2.47 -30.79 40.94
C ASP A 502 -1.03 -31.26 40.68
N PHE A 503 -0.84 -32.57 40.52
CA PHE A 503 0.46 -33.18 40.20
C PHE A 503 0.98 -32.73 38.82
N PHE A 504 0.33 -33.16 37.74
CA PHE A 504 0.66 -32.73 36.37
C PHE A 504 -0.58 -32.19 35.66
N VAL A 505 -0.34 -31.37 34.64
CA VAL A 505 -1.39 -30.84 33.77
C VAL A 505 -1.20 -31.41 32.36
N TYR A 506 -2.31 -31.85 31.76
CA TYR A 506 -2.30 -32.51 30.45
C TYR A 506 -2.47 -31.50 29.31
N ALA A 507 -3.42 -30.58 29.46
CA ALA A 507 -3.69 -29.56 28.46
C ALA A 507 -3.98 -28.20 29.13
N ASP A 508 -3.34 -27.16 28.61
CA ASP A 508 -3.47 -25.78 29.09
C ASP A 508 -3.66 -24.81 27.91
N TYR A 509 -3.63 -23.50 28.18
CA TYR A 509 -3.74 -22.49 27.12
C TYR A 509 -2.57 -22.50 26.12
N HIS A 510 -1.41 -22.98 26.55
CA HIS A 510 -0.23 -23.13 25.67
C HIS A 510 -0.49 -24.06 24.47
N THR A 511 -0.87 -25.30 24.74
CA THR A 511 -1.16 -26.27 23.67
C THR A 511 -2.38 -25.88 22.82
N HIS A 512 -3.39 -25.28 23.46
CA HIS A 512 -4.56 -24.76 22.75
C HIS A 512 -4.16 -23.61 21.81
N PHE A 513 -3.34 -22.69 22.30
CA PHE A 513 -2.77 -21.64 21.46
C PHE A 513 -1.92 -22.24 20.33
N LEU A 514 -1.12 -23.23 20.66
CA LEU A 514 -0.29 -23.92 19.66
C LEU A 514 -1.13 -24.64 18.59
N TYR A 515 -2.28 -25.19 18.97
CA TYR A 515 -3.22 -25.77 17.99
C TYR A 515 -3.99 -24.70 17.20
N CYS A 516 -4.39 -23.61 17.87
CA CYS A 516 -5.24 -22.59 17.26
C CYS A 516 -4.53 -21.63 16.27
N VAL A 517 -3.22 -21.83 16.06
CA VAL A 517 -2.46 -21.07 15.04
C VAL A 517 -2.20 -21.86 13.74
N ARG A 518 -2.33 -23.19 13.79
CA ARG A 518 -2.12 -24.03 12.61
C ARG A 518 -3.35 -24.10 11.70
N ALA A 519 -4.54 -24.01 12.30
CA ALA A 519 -5.79 -23.98 11.57
C ALA A 519 -6.79 -23.06 12.29
N PRO A 520 -6.84 -21.77 11.90
CA PRO A 520 -7.71 -20.81 12.60
C PRO A 520 -9.22 -20.93 12.30
N ALA A 521 -9.60 -21.74 11.32
CA ALA A 521 -11.01 -21.93 10.95
C ALA A 521 -11.70 -23.08 11.71
N SER A 522 -10.95 -24.14 12.02
CA SER A 522 -11.52 -25.35 12.63
C SER A 522 -12.06 -25.09 14.04
N LEU A 523 -13.36 -25.26 14.24
CA LEU A 523 -14.00 -24.98 15.53
C LEU A 523 -13.53 -25.96 16.61
N ASN A 524 -14.03 -27.19 16.55
CA ASN A 524 -13.78 -28.17 17.61
C ASN A 524 -12.34 -28.65 17.58
N ASP A 525 -11.58 -28.25 18.59
CA ASP A 525 -10.19 -28.71 18.77
C ASP A 525 -10.14 -30.18 19.18
N THR A 526 -9.12 -30.88 18.68
CA THR A 526 -8.94 -32.32 18.94
C THR A 526 -8.28 -32.66 20.29
N SER A 527 -7.93 -31.65 21.08
CA SER A 527 -7.30 -31.84 22.39
C SER A 527 -8.30 -32.34 23.45
N LEU A 528 -7.85 -32.41 24.70
CA LEU A 528 -8.73 -32.72 25.85
C LEU A 528 -9.86 -31.70 25.99
N LEU A 529 -9.57 -30.45 25.65
CA LEU A 529 -10.57 -29.37 25.65
C LEU A 529 -11.53 -29.48 24.47
N HIS A 530 -12.65 -28.78 24.58
CA HIS A 530 -13.63 -28.64 23.51
C HIS A 530 -13.92 -27.15 23.27
N ASP A 531 -12.84 -26.37 23.23
CA ASP A 531 -12.90 -24.92 23.06
C ASP A 531 -12.86 -24.59 21.56
N PRO A 532 -13.81 -23.78 21.06
CA PRO A 532 -13.71 -23.31 19.68
C PRO A 532 -12.47 -22.44 19.43
N CYS A 533 -11.81 -22.65 18.30
CA CYS A 533 -10.66 -21.83 17.88
C CYS A 533 -11.10 -20.59 17.09
N LEU A 534 -12.21 -20.72 16.35
CA LEU A 534 -12.76 -19.62 15.54
C LEU A 534 -13.07 -18.38 16.40
N GLY A 535 -12.90 -17.22 15.80
CA GLY A 535 -13.11 -15.94 16.48
C GLY A 535 -14.55 -15.70 16.92
N THR A 536 -14.70 -14.79 17.88
CA THR A 536 -16.02 -14.43 18.44
C THR A 536 -16.99 -13.80 17.42
N PHE A 537 -16.44 -13.18 16.37
CA PHE A 537 -17.23 -12.54 15.30
C PHE A 537 -17.54 -13.46 14.11
N GLY A 538 -17.18 -14.74 14.21
CA GLY A 538 -17.48 -15.73 13.17
C GLY A 538 -16.43 -15.90 12.08
N GLY A 539 -15.44 -15.01 12.05
CA GLY A 539 -14.40 -15.04 11.02
C GLY A 539 -13.09 -15.55 11.59
N PRO A 540 -12.29 -16.27 10.77
CA PRO A 540 -11.02 -16.82 11.27
C PRO A 540 -9.98 -15.73 11.49
N VAL A 541 -9.58 -15.54 12.76
CA VAL A 541 -8.51 -14.61 13.11
C VAL A 541 -7.22 -15.27 12.66
N PHE A 542 -6.42 -14.51 11.91
CA PHE A 542 -5.20 -15.04 11.30
C PHE A 542 -4.01 -14.88 12.24
N PRO A 543 -2.97 -15.73 12.07
CA PRO A 543 -1.70 -15.51 12.76
C PRO A 543 -0.82 -14.41 12.11
N TRP A 544 -1.16 -14.00 10.89
CA TRP A 544 -0.46 -12.90 10.20
C TRP A 544 -0.69 -11.54 10.86
N LEU A 545 -1.96 -11.18 11.01
CA LEU A 545 -2.34 -9.83 11.45
C LEU A 545 -2.22 -9.58 12.95
N VAL A 546 -1.89 -10.62 13.73
CA VAL A 546 -1.94 -10.54 15.20
C VAL A 546 -0.56 -10.54 15.89
N LEU A 547 0.38 -11.36 15.40
CA LEU A 547 1.72 -11.48 16.02
C LEU A 547 2.77 -10.68 15.28
N GLY A 548 3.90 -10.44 15.95
CA GLY A 548 4.96 -9.57 15.44
C GLY A 548 6.35 -9.98 15.90
N GLY A 549 7.33 -9.80 15.01
CA GLY A 549 8.73 -10.14 15.29
C GLY A 549 9.03 -11.62 15.39
N TYR A 550 8.16 -12.46 14.80
CA TYR A 550 8.40 -13.91 14.73
C TYR A 550 9.39 -14.20 13.60
N ASP A 551 10.03 -15.37 13.67
CA ASP A 551 11.10 -15.73 12.71
C ASP A 551 10.58 -16.40 11.41
N ASP A 552 9.62 -15.72 10.77
CA ASP A 552 9.12 -15.98 9.40
C ASP A 552 8.38 -17.28 9.03
N GLN A 553 8.29 -18.26 9.93
CA GLN A 553 7.49 -19.48 9.67
C GLN A 553 6.64 -19.86 10.88
N ASN A 554 7.30 -20.18 11.99
CA ASN A 554 6.62 -20.59 13.23
C ASN A 554 6.34 -19.39 14.13
N TYR A 555 5.22 -19.46 14.84
CA TYR A 555 4.65 -18.33 15.59
C TYR A 555 4.88 -18.38 17.10
N ASN A 556 5.51 -19.45 17.59
CA ASN A 556 5.80 -19.61 19.02
C ASN A 556 6.81 -18.60 19.58
N ASN A 557 7.69 -18.06 18.72
CA ASN A 557 8.65 -17.03 19.09
C ASN A 557 8.10 -15.62 18.85
N ALA A 558 6.88 -15.36 19.30
CA ALA A 558 6.21 -14.06 19.12
C ALA A 558 6.72 -13.05 20.15
N THR A 559 6.99 -11.83 19.70
CA THR A 559 7.50 -10.75 20.58
C THR A 559 6.70 -9.43 20.53
N ALA A 560 5.53 -9.44 19.88
CA ALA A 560 4.71 -8.22 19.77
C ALA A 560 3.28 -8.57 19.35
N LEU A 561 2.31 -8.17 20.18
CA LEU A 561 0.89 -8.38 19.88
C LEU A 561 0.32 -7.19 19.12
N VAL A 562 -0.50 -7.50 18.11
CA VAL A 562 -1.15 -6.49 17.27
C VAL A 562 -2.65 -6.52 17.59
N ILE A 563 -3.20 -5.34 17.86
CA ILE A 563 -4.64 -5.18 18.11
C ILE A 563 -5.21 -4.29 17.00
N THR A 564 -6.27 -4.78 16.36
CA THR A 564 -6.89 -4.11 15.20
C THR A 564 -8.38 -3.92 15.48
N PHE A 565 -8.89 -2.70 15.25
CA PHE A 565 -10.32 -2.40 15.35
C PHE A 565 -10.82 -1.82 14.02
N PRO A 566 -11.19 -2.70 13.07
CA PRO A 566 -11.69 -2.20 11.78
C PRO A 566 -13.03 -1.46 11.87
N VAL A 567 -13.23 -0.51 10.96
CA VAL A 567 -14.39 0.38 10.99
C VAL A 567 -14.71 0.86 9.57
N ASN A 568 -16.00 1.07 9.31
CA ASN A 568 -16.51 1.40 7.96
C ASN A 568 -16.22 2.85 7.54
N ASN A 569 -16.47 3.14 6.26
CA ASN A 569 -16.25 4.49 5.67
C ASN A 569 -17.49 5.05 4.94
N TYR A 570 -18.01 4.26 3.99
CA TYR A 570 -19.21 4.53 3.16
C TYR A 570 -19.28 5.91 2.47
N TYR A 571 -18.39 6.08 1.49
CA TYR A 571 -18.09 7.39 0.86
C TYR A 571 -19.29 8.25 0.42
N ASN A 572 -20.32 7.60 -0.12
CA ASN A 572 -21.52 8.33 -0.59
C ASN A 572 -22.25 9.08 0.53
N ASP A 573 -22.13 8.59 1.77
CA ASP A 573 -22.62 9.32 2.94
C ASP A 573 -21.52 10.26 3.46
N THR A 574 -21.95 11.38 4.05
CA THR A 574 -21.03 12.34 4.71
C THR A 574 -21.36 12.64 6.18
N GLU A 575 -22.60 12.43 6.60
CA GLU A 575 -23.05 12.73 7.97
C GLU A 575 -22.60 11.72 9.04
N LYS A 576 -22.09 10.57 8.63
CA LYS A 576 -21.67 9.50 9.56
C LYS A 576 -20.18 9.07 9.42
N LEU A 577 -19.34 9.96 8.88
CA LEU A 577 -17.88 9.74 8.88
C LEU A 577 -17.28 10.41 10.11
N GLN A 578 -17.55 11.70 10.27
CA GLN A 578 -17.19 12.45 11.48
C GLN A 578 -17.78 11.83 12.77
N ARG A 579 -18.92 11.16 12.62
CA ARG A 579 -19.47 10.24 13.64
C ARG A 579 -18.40 9.27 14.16
N ALA A 580 -17.69 8.63 13.24
CA ALA A 580 -16.60 7.71 13.59
C ALA A 580 -15.37 8.42 14.14
N GLN A 581 -15.00 9.55 13.52
CA GLN A 581 -13.86 10.36 13.98
C GLN A 581 -14.06 10.93 15.39
N ALA A 582 -15.31 11.19 15.77
CA ALA A 582 -15.66 11.56 17.15
C ALA A 582 -15.35 10.45 18.17
N TRP A 583 -15.45 9.20 17.74
CA TRP A 583 -15.00 8.06 18.56
C TRP A 583 -13.47 7.95 18.55
N GLU A 584 -12.87 8.08 17.37
CA GLU A 584 -11.41 7.93 17.21
C GLU A 584 -10.57 8.94 17.98
N LYS A 585 -11.10 10.15 18.20
CA LYS A 585 -10.43 11.13 19.07
C LYS A 585 -10.47 10.72 20.53
N GLU A 586 -11.59 10.16 20.97
CA GLU A 586 -11.71 9.58 22.32
C GLU A 586 -10.81 8.35 22.48
N PHE A 587 -10.71 7.55 21.41
CA PHE A 587 -9.77 6.41 21.36
C PHE A 587 -8.33 6.85 21.60
N ILE A 588 -7.92 7.92 20.92
CA ILE A 588 -6.58 8.51 21.10
C ILE A 588 -6.44 9.13 22.50
N ASN A 589 -7.48 9.87 22.91
CA ASN A 589 -7.51 10.52 24.24
C ASN A 589 -7.38 9.52 25.38
N PHE A 590 -8.00 8.35 25.24
CA PHE A 590 -7.84 7.27 26.23
C PHE A 590 -6.44 6.66 26.20
N VAL A 591 -6.00 6.22 25.02
CA VAL A 591 -4.74 5.49 24.87
C VAL A 591 -3.51 6.36 25.18
N LYS A 592 -3.61 7.68 24.96
CA LYS A 592 -2.57 8.61 25.42
C LYS A 592 -2.52 8.68 26.95
N ASN A 593 -3.63 9.10 27.56
CA ASN A 593 -3.75 9.19 29.02
C ASN A 593 -3.94 7.79 29.62
N TYR A 594 -2.83 7.07 29.70
CA TYR A 594 -2.81 5.69 30.20
C TYR A 594 -1.44 5.38 30.79
N LYS A 595 -1.43 4.66 31.90
CA LYS A 595 -0.22 4.37 32.66
C LYS A 595 -0.17 2.87 32.97
N ASN A 596 0.95 2.23 32.64
CA ASN A 596 1.11 0.79 32.84
C ASN A 596 2.61 0.43 32.95
N PRO A 597 3.03 -0.09 34.13
CA PRO A 597 4.42 -0.55 34.28
C PRO A 597 4.71 -1.93 33.67
N ASN A 598 3.67 -2.68 33.30
CA ASN A 598 3.83 -4.01 32.70
C ASN A 598 4.46 -3.94 31.31
N LEU A 599 3.84 -3.14 30.45
CA LEU A 599 4.08 -3.21 29.00
C LEU A 599 4.09 -1.82 28.35
N THR A 600 4.75 -1.73 27.21
CA THR A 600 4.81 -0.50 26.41
C THR A 600 3.93 -0.67 25.18
N ILE A 601 3.32 0.44 24.73
CA ILE A 601 2.41 0.42 23.58
C ILE A 601 2.71 1.55 22.60
N SER A 602 2.35 1.31 21.34
CA SER A 602 2.23 2.37 20.34
C SER A 602 0.89 2.18 19.64
N PHE A 603 0.34 3.26 19.11
CA PHE A 603 -0.99 3.22 18.51
C PHE A 603 -1.09 4.05 17.24
N THR A 604 -2.17 3.83 16.51
CA THR A 604 -2.46 4.53 15.27
C THR A 604 -3.95 4.42 14.93
N ALA A 605 -4.59 5.58 14.80
CA ALA A 605 -5.85 5.71 14.08
C ALA A 605 -5.51 6.18 12.67
N GLU A 606 -6.36 5.84 11.71
CA GLU A 606 -6.16 6.27 10.31
C GLU A 606 -6.74 7.67 10.02
N ARG A 607 -7.23 8.35 11.06
CA ARG A 607 -7.40 9.81 11.06
C ARG A 607 -6.10 10.48 11.52
N SER A 608 -5.40 9.86 12.48
CA SER A 608 -4.17 10.43 13.06
C SER A 608 -2.95 10.55 12.13
N ILE A 609 -3.01 9.93 10.95
CA ILE A 609 -2.04 10.22 9.88
C ILE A 609 -2.26 11.65 9.32
N GLU A 610 -3.50 12.13 9.39
CA GLU A 610 -3.89 13.45 8.87
C GLU A 610 -3.85 14.56 9.93
N ASP A 611 -4.17 14.24 11.19
CA ASP A 611 -4.20 15.23 12.28
C ASP A 611 -2.84 15.88 12.58
N GLU A 612 -1.78 15.08 12.48
CA GLU A 612 -0.41 15.54 12.75
C GLU A 612 0.08 16.60 11.75
N LEU A 613 -0.45 16.56 10.52
CA LEU A 613 -0.16 17.58 9.50
C LEU A 613 -0.69 18.94 9.96
N ASN A 614 -1.97 18.98 10.32
CA ASN A 614 -2.59 20.22 10.81
C ASN A 614 -2.15 20.63 12.21
N ARG A 615 -1.59 19.71 12.99
CA ARG A 615 -0.89 20.07 14.23
C ARG A 615 0.46 20.72 13.92
N GLU A 616 1.28 20.03 13.11
CA GLU A 616 2.64 20.48 12.80
C GLU A 616 2.69 21.76 11.94
N SER A 617 1.72 21.91 11.03
CA SER A 617 1.65 23.07 10.14
C SER A 617 1.33 24.39 10.86
N ASP A 618 0.74 24.32 12.05
CA ASP A 618 0.49 25.52 12.89
C ASP A 618 1.63 25.76 13.91
N SER A 619 2.88 25.55 13.50
CA SER A 619 4.07 25.83 14.32
C SER A 619 5.15 26.69 13.63
N ASP A 620 4.90 27.17 12.42
CA ASP A 620 5.81 28.07 11.70
C ASP A 620 5.07 29.29 11.12
N VAL A 621 4.23 29.91 11.95
CA VAL A 621 3.62 31.21 11.65
C VAL A 621 4.51 32.33 12.20
N PHE A 622 5.02 32.13 13.42
CA PHE A 622 5.87 33.12 14.09
C PHE A 622 7.29 33.22 13.48
N THR A 623 7.82 32.10 12.99
CA THR A 623 9.15 32.04 12.35
C THR A 623 9.24 32.83 11.03
N VAL A 624 8.11 32.92 10.33
CA VAL A 624 8.05 33.43 8.95
C VAL A 624 7.48 34.85 8.81
N VAL A 625 6.55 35.23 9.68
CA VAL A 625 6.05 36.62 9.72
C VAL A 625 7.21 37.56 10.04
N ILE A 626 8.08 37.13 10.96
CA ILE A 626 9.34 37.83 11.23
C ILE A 626 10.31 37.76 10.04
N SER A 627 10.27 36.67 9.25
CA SER A 627 11.00 36.58 7.98
C SER A 627 10.54 37.63 6.96
N TYR A 628 9.22 37.81 6.81
CA TYR A 628 8.68 38.87 5.94
C TYR A 628 8.93 40.28 6.49
N ALA A 629 8.98 40.42 7.81
CA ALA A 629 9.31 41.71 8.45
C ALA A 629 10.71 42.25 8.08
N ILE A 630 11.67 41.35 7.88
CA ILE A 630 13.03 41.74 7.45
C ILE A 630 13.00 42.27 6.02
N MET A 631 12.23 41.61 5.15
CA MET A 631 11.99 42.09 3.78
C MET A 631 11.17 43.39 3.77
N PHE A 632 10.27 43.57 4.73
CA PHE A 632 9.56 44.85 4.92
C PHE A 632 10.49 45.99 5.37
N LEU A 633 11.47 45.67 6.21
CA LEU A 633 12.44 46.70 6.67
C LEU A 633 13.57 46.97 5.67
N TYR A 634 14.01 45.95 4.94
CA TYR A 634 15.11 46.11 3.98
C TYR A 634 14.80 47.08 2.82
N ILE A 635 13.53 47.09 2.37
CA ILE A 635 13.10 47.98 1.29
C ILE A 635 13.21 49.47 1.65
N SER A 636 13.10 49.79 2.94
CA SER A 636 13.29 51.16 3.43
C SER A 636 14.76 51.58 3.40
N LEU A 637 15.64 50.72 3.91
CA LEU A 637 17.09 51.00 3.98
C LEU A 637 17.77 51.04 2.61
N ALA A 638 17.36 50.16 1.70
CA ALA A 638 18.07 49.96 0.43
C ALA A 638 17.64 50.90 -0.74
N LEU A 639 17.00 52.03 -0.41
CA LEU A 639 16.61 53.03 -1.42
C LEU A 639 17.15 54.40 -1.03
N GLY A 640 18.12 54.90 -1.80
CA GLY A 640 18.74 56.20 -1.56
C GLY A 640 20.26 56.14 -1.68
N HIS A 641 20.95 56.56 -0.61
CA HIS A 641 22.42 56.61 -0.57
C HIS A 641 22.94 55.64 0.49
N VAL A 650 19.67 61.99 5.37
CA VAL A 650 18.52 61.79 6.26
C VAL A 650 17.16 61.87 5.54
N ASP A 651 17.17 61.77 4.21
CA ASP A 651 15.96 61.87 3.39
C ASP A 651 15.86 60.69 2.42
N SER A 652 15.96 59.49 2.99
CA SER A 652 15.84 58.24 2.23
C SER A 652 14.38 57.94 1.91
N LYS A 653 14.17 57.03 0.97
CA LYS A 653 12.83 56.67 0.50
C LYS A 653 12.24 55.57 1.40
N VAL A 654 11.35 55.97 2.30
CA VAL A 654 10.80 55.10 3.35
C VAL A 654 9.34 54.73 3.06
N SER A 655 8.49 55.76 2.89
CA SER A 655 7.05 55.57 2.72
C SER A 655 6.66 54.74 1.49
N LEU A 656 7.31 55.00 0.36
CA LEU A 656 7.03 54.26 -0.88
C LEU A 656 7.49 52.81 -0.86
N GLY A 657 8.46 52.48 -0.01
CA GLY A 657 8.81 51.09 0.27
C GLY A 657 7.65 50.36 0.94
N ILE A 658 7.03 51.03 1.91
CA ILE A 658 5.86 50.51 2.62
C ILE A 658 4.63 50.49 1.71
N ALA A 659 4.52 51.49 0.83
CA ALA A 659 3.48 51.49 -0.22
C ALA A 659 3.67 50.34 -1.21
N GLY A 660 4.93 50.08 -1.60
CA GLY A 660 5.27 48.98 -2.50
C GLY A 660 4.99 47.59 -1.96
N ILE A 661 5.01 47.45 -0.64
CA ILE A 661 4.56 46.23 0.04
C ILE A 661 3.04 46.08 -0.11
N LEU A 662 2.31 47.18 0.13
CA LEU A 662 0.85 47.20 -0.05
C LEU A 662 0.36 46.92 -1.49
N ILE A 663 1.24 47.17 -2.48
CA ILE A 663 0.96 46.79 -3.87
C ILE A 663 0.95 45.26 -4.02
N VAL A 664 2.08 44.65 -3.72
CA VAL A 664 2.25 43.18 -3.88
C VAL A 664 1.41 42.35 -2.92
N LEU A 665 1.25 42.83 -1.68
CA LEU A 665 0.42 42.15 -0.68
C LEU A 665 -1.07 42.14 -1.07
N SER A 666 -1.53 43.21 -1.72
CA SER A 666 -2.89 43.29 -2.25
C SER A 666 -3.03 42.56 -3.58
N SER A 667 -2.00 42.62 -4.41
CA SER A 667 -1.96 41.94 -5.72
C SER A 667 -2.17 40.42 -5.59
N VAL A 668 -1.42 39.79 -4.69
CA VAL A 668 -1.57 38.35 -4.42
C VAL A 668 -2.94 37.99 -3.85
N ALA A 669 -3.49 38.87 -2.99
CA ALA A 669 -4.83 38.69 -2.43
C ALA A 669 -5.90 38.78 -3.51
N CYS A 670 -5.75 39.77 -4.40
CA CYS A 670 -6.63 39.92 -5.56
C CYS A 670 -6.61 38.69 -6.47
N SER A 671 -5.41 38.17 -6.74
CA SER A 671 -5.25 36.99 -7.61
C SER A 671 -5.91 35.72 -7.03
N LEU A 672 -5.86 35.58 -5.71
CA LEU A 672 -6.59 34.50 -5.02
C LEU A 672 -8.10 34.78 -5.00
N GLY A 673 -8.46 36.04 -4.78
CA GLY A 673 -9.87 36.47 -4.81
C GLY A 673 -10.61 36.29 -6.13
N VAL A 674 -9.88 36.33 -7.24
CA VAL A 674 -10.48 36.05 -8.56
C VAL A 674 -10.84 34.57 -8.68
N PHE A 675 -9.83 33.71 -8.59
CA PHE A 675 -10.01 32.26 -8.73
C PHE A 675 -10.86 31.62 -7.61
N SER A 676 -10.94 32.29 -6.46
CA SER A 676 -11.91 31.91 -5.43
C SER A 676 -13.33 31.98 -5.98
N TYR A 677 -13.67 33.11 -6.62
CA TYR A 677 -14.98 33.29 -7.27
C TYR A 677 -15.17 32.36 -8.47
N ILE A 678 -14.09 32.05 -9.19
CA ILE A 678 -14.12 31.05 -10.27
C ILE A 678 -14.44 29.67 -9.69
N GLY A 679 -13.83 29.34 -8.55
CA GLY A 679 -14.15 28.13 -7.79
C GLY A 679 -13.08 27.05 -7.67
N LEU A 680 -11.81 27.40 -7.94
CA LEU A 680 -10.70 26.47 -7.76
C LEU A 680 -10.23 26.51 -6.29
N PRO A 681 -10.09 25.33 -5.65
CA PRO A 681 -9.76 25.28 -4.24
C PRO A 681 -8.30 25.63 -3.97
N LEU A 682 -8.08 26.42 -2.91
CA LEU A 682 -6.74 26.90 -2.54
C LEU A 682 -6.04 25.84 -1.69
N THR A 683 -5.02 25.21 -2.27
CA THR A 683 -4.25 24.17 -1.56
C THR A 683 -3.28 24.77 -0.54
N LEU A 684 -2.80 23.93 0.37
CA LEU A 684 -1.84 24.33 1.41
C LEU A 684 -0.41 24.47 0.86
N ILE A 685 -0.17 24.00 -0.36
CA ILE A 685 1.13 24.16 -1.03
C ILE A 685 1.34 25.63 -1.41
N VAL A 686 0.41 26.16 -2.21
CA VAL A 686 0.54 27.47 -2.84
C VAL A 686 0.53 28.66 -1.86
N ILE A 687 -0.22 28.50 -0.77
CA ILE A 687 -0.48 29.60 0.19
C ILE A 687 0.78 30.28 0.76
N GLU A 688 1.85 29.50 0.94
CA GLU A 688 3.15 30.02 1.40
C GLU A 688 4.22 30.15 0.30
N VAL A 689 4.09 29.38 -0.79
CA VAL A 689 5.05 29.42 -1.90
C VAL A 689 4.90 30.68 -2.74
N ILE A 690 3.66 31.06 -3.07
CA ILE A 690 3.41 32.20 -3.97
C ILE A 690 3.78 33.59 -3.41
N PRO A 691 3.59 33.86 -2.09
CA PRO A 691 4.06 35.16 -1.59
C PRO A 691 5.60 35.36 -1.62
N PHE A 692 6.36 34.26 -1.71
CA PHE A 692 7.80 34.34 -1.99
C PHE A 692 8.03 34.81 -3.44
N LEU A 693 7.35 34.15 -4.38
CA LEU A 693 7.50 34.44 -5.82
C LEU A 693 7.15 35.88 -6.18
N VAL A 694 5.91 36.27 -5.89
CA VAL A 694 5.40 37.60 -6.29
C VAL A 694 6.18 38.75 -5.66
N LEU A 695 6.63 38.55 -4.42
CA LEU A 695 7.52 39.49 -3.74
C LEU A 695 8.88 39.53 -4.42
N ALA A 696 9.49 38.36 -4.59
CA ALA A 696 10.84 38.27 -5.17
C ALA A 696 10.93 38.67 -6.65
N VAL A 697 9.82 38.64 -7.37
CA VAL A 697 9.76 39.16 -8.75
C VAL A 697 9.31 40.62 -8.77
N GLY A 698 8.22 40.93 -8.07
CA GLY A 698 7.62 42.27 -8.06
C GLY A 698 8.51 43.39 -7.55
N VAL A 699 9.34 43.09 -6.55
CA VAL A 699 10.25 44.08 -5.96
C VAL A 699 11.45 44.39 -6.88
N ASP A 700 11.89 43.40 -7.67
CA ASP A 700 12.98 43.58 -8.64
C ASP A 700 12.62 44.55 -9.79
N ASN A 701 11.34 44.85 -9.96
CA ASN A 701 10.88 45.97 -10.79
C ASN A 701 11.17 47.30 -10.11
N ILE A 702 10.95 47.34 -8.81
CA ILE A 702 11.10 48.58 -8.02
C ILE A 702 12.57 48.95 -7.92
N PHE A 703 13.40 47.99 -7.50
CA PHE A 703 14.85 48.22 -7.32
C PHE A 703 15.58 48.68 -8.59
N ILE A 704 15.19 48.15 -9.75
CA ILE A 704 15.78 48.60 -11.03
C ILE A 704 15.26 49.98 -11.47
N LEU A 705 13.97 50.24 -11.29
CA LEU A 705 13.33 51.45 -11.83
C LEU A 705 13.75 52.72 -11.09
N VAL A 706 13.63 52.72 -9.76
CA VAL A 706 13.97 53.90 -8.95
C VAL A 706 15.48 54.19 -8.90
N GLN A 707 16.31 53.14 -8.91
CA GLN A 707 17.76 53.33 -9.02
C GLN A 707 18.18 53.82 -10.42
N ALA A 708 17.49 53.34 -11.46
CA ALA A 708 17.64 53.89 -12.81
C ALA A 708 17.21 55.35 -12.87
N TYR A 709 16.18 55.72 -12.09
CA TYR A 709 15.81 57.13 -11.90
C TYR A 709 16.90 57.92 -11.16
N GLN A 710 17.38 57.39 -10.03
CA GLN A 710 18.41 58.07 -9.24
C GLN A 710 19.75 58.22 -9.97
N ARG A 711 20.10 57.25 -10.81
CA ARG A 711 21.30 57.33 -11.63
C ARG A 711 21.19 58.26 -12.85
N ASP A 712 19.97 58.69 -13.17
CA ASP A 712 19.74 59.71 -14.19
C ASP A 712 19.82 61.12 -13.58
N GLU A 713 20.39 62.06 -14.34
CA GLU A 713 20.41 63.47 -13.97
C GLU A 713 19.36 64.22 -14.78
N ARG A 714 18.84 65.30 -14.21
CA ARG A 714 17.82 66.12 -14.87
C ARG A 714 18.46 67.01 -15.94
N LEU A 715 17.81 67.11 -17.09
CA LEU A 715 18.28 67.94 -18.21
C LEU A 715 17.91 69.41 -18.00
N GLN A 716 18.34 70.26 -18.94
CA GLN A 716 18.22 71.72 -18.83
C GLN A 716 16.83 72.30 -19.09
N GLY A 717 16.10 71.74 -20.07
CA GLY A 717 14.83 72.30 -20.54
C GLY A 717 13.59 71.43 -20.39
N GLU A 718 13.70 70.32 -19.66
CA GLU A 718 12.59 69.38 -19.48
C GLU A 718 12.29 69.12 -18.00
N THR A 719 11.00 69.06 -17.68
CA THR A 719 10.53 68.90 -16.29
C THR A 719 10.45 67.41 -15.89
N LEU A 720 10.00 67.15 -14.66
CA LEU A 720 9.89 65.78 -14.12
C LEU A 720 9.01 64.84 -14.96
N ASP A 721 7.95 65.40 -15.54
CA ASP A 721 7.02 64.67 -16.41
C ASP A 721 7.72 63.97 -17.59
N GLN A 722 8.46 64.75 -18.37
CA GLN A 722 9.20 64.22 -19.52
C GLN A 722 10.38 63.33 -19.09
N GLN A 723 10.99 63.67 -17.95
CA GLN A 723 12.05 62.85 -17.33
C GLN A 723 11.56 61.45 -17.01
N LEU A 724 10.44 61.37 -16.26
CA LEU A 724 9.85 60.08 -15.90
C LEU A 724 9.37 59.29 -17.12
N GLY A 725 8.79 59.99 -18.09
CA GLY A 725 8.44 59.39 -19.38
C GLY A 725 9.63 58.82 -20.13
N ARG A 726 10.75 59.57 -20.12
CA ARG A 726 11.99 59.12 -20.77
C ARG A 726 12.57 57.88 -20.08
N VAL A 727 12.75 57.96 -18.76
CA VAL A 727 13.29 56.83 -17.98
C VAL A 727 12.36 55.62 -17.94
N LEU A 728 11.04 55.85 -18.01
CA LEU A 728 10.08 54.74 -18.14
C LEU A 728 10.24 54.05 -19.49
N GLY A 729 10.24 54.86 -20.56
CA GLY A 729 10.52 54.37 -21.92
C GLY A 729 11.87 53.68 -22.07
N GLU A 730 12.85 54.11 -21.28
CA GLU A 730 14.16 53.44 -21.20
C GLU A 730 14.05 52.04 -20.57
N VAL A 731 13.53 51.98 -19.35
CA VAL A 731 13.57 50.75 -18.53
C VAL A 731 12.44 49.77 -18.85
N ALA A 732 11.20 50.26 -18.83
CA ALA A 732 9.99 49.41 -18.94
C ALA A 732 9.94 48.36 -20.08
N PRO A 733 10.48 48.68 -21.28
CA PRO A 733 10.50 47.60 -22.30
C PRO A 733 11.45 46.42 -21.99
N SER A 734 12.42 46.62 -21.10
CA SER A 734 13.22 45.51 -20.58
C SER A 734 12.40 44.68 -19.59
N MET A 735 11.72 45.42 -18.70
CA MET A 735 10.89 44.84 -17.64
C MET A 735 9.66 44.08 -18.14
N PHE A 736 9.06 44.57 -19.23
CA PHE A 736 7.90 43.93 -19.87
C PHE A 736 8.20 42.49 -20.33
N LEU A 737 9.41 42.28 -20.83
CA LEU A 737 9.88 40.95 -21.25
C LEU A 737 9.91 40.00 -20.05
N SER A 738 10.57 40.43 -18.98
CA SER A 738 10.70 39.65 -17.74
C SER A 738 9.35 39.30 -17.11
N SER A 739 8.36 40.18 -17.25
CA SER A 739 6.99 39.91 -16.82
C SER A 739 6.30 38.95 -17.77
N PHE A 740 6.16 39.36 -19.04
CA PHE A 740 5.34 38.62 -20.00
C PHE A 740 5.91 37.26 -20.41
N SER A 741 7.22 37.05 -20.25
CA SER A 741 7.82 35.74 -20.60
C SER A 741 7.39 34.63 -19.62
N GLU A 742 7.77 34.78 -18.36
CA GLU A 742 7.47 33.78 -17.31
C GLU A 742 5.98 33.60 -16.99
N THR A 743 5.20 34.67 -17.13
CA THR A 743 3.74 34.63 -16.96
C THR A 743 3.10 33.68 -17.96
N VAL A 744 3.42 33.89 -19.25
CA VAL A 744 2.93 33.05 -20.33
C VAL A 744 3.60 31.66 -20.28
N ALA A 745 4.84 31.59 -19.79
CA ALA A 745 5.51 30.31 -19.54
C ALA A 745 4.78 29.41 -18.52
N PHE A 746 4.08 30.03 -17.56
CA PHE A 746 3.28 29.28 -16.59
C PHE A 746 1.93 28.82 -17.15
N PHE A 747 1.20 29.69 -17.84
CA PHE A 747 -0.10 29.32 -18.44
C PHE A 747 0.01 28.36 -19.64
N LEU A 748 1.20 28.25 -20.23
CA LEU A 748 1.51 27.15 -21.17
C LEU A 748 2.25 25.98 -20.47
N GLY A 749 2.35 26.04 -19.14
CA GLY A 749 2.81 24.94 -18.30
C GLY A 749 1.78 24.54 -17.26
N ALA A 750 0.51 24.80 -17.55
CA ALA A 750 -0.62 24.41 -16.70
C ALA A 750 -1.39 23.23 -17.29
N LEU A 751 -0.78 22.51 -18.23
CA LEU A 751 -1.43 21.42 -18.96
C LEU A 751 -1.17 20.03 -18.34
N SER A 752 -0.24 19.95 -17.38
CA SER A 752 -0.01 18.72 -16.63
C SER A 752 -1.19 18.44 -15.68
N VAL A 753 -1.39 17.17 -15.36
CA VAL A 753 -2.58 16.71 -14.61
C VAL A 753 -2.35 16.44 -13.11
N MET A 754 -1.09 16.54 -12.66
CA MET A 754 -0.77 16.42 -11.23
C MET A 754 -1.35 17.62 -10.47
N PRO A 755 -2.35 17.39 -9.61
CA PRO A 755 -3.15 18.49 -9.02
C PRO A 755 -2.49 19.34 -7.92
N ALA A 756 -1.20 19.10 -7.61
CA ALA A 756 -0.41 20.04 -6.80
C ALA A 756 0.24 21.11 -7.69
N VAL A 757 0.76 20.69 -8.84
CA VAL A 757 1.38 21.61 -9.82
C VAL A 757 0.37 22.22 -10.81
N HIS A 758 -0.72 21.51 -11.08
CA HIS A 758 -1.81 22.05 -11.93
C HIS A 758 -2.47 23.27 -11.29
N THR A 759 -2.70 23.21 -9.97
CA THR A 759 -3.31 24.32 -9.22
C THR A 759 -2.33 25.46 -8.85
N PHE A 760 -1.03 25.19 -8.90
CA PHE A 760 -0.01 26.22 -8.62
C PHE A 760 0.16 27.23 -9.76
N SER A 761 0.43 26.72 -10.96
CA SER A 761 0.77 27.54 -12.13
C SER A 761 -0.30 28.59 -12.49
N LEU A 762 -1.57 28.24 -12.27
CA LEU A 762 -2.70 29.19 -12.45
C LEU A 762 -2.57 30.43 -11.56
N PHE A 763 -2.28 30.22 -10.28
CA PHE A 763 -2.05 31.33 -9.35
C PHE A 763 -0.73 32.03 -9.65
N ALA A 764 0.33 31.23 -9.80
CA ALA A 764 1.68 31.74 -10.07
C ALA A 764 1.76 32.61 -11.32
N GLY A 765 0.97 32.27 -12.34
CA GLY A 765 0.88 33.08 -13.56
C GLY A 765 0.07 34.35 -13.38
N LEU A 766 -1.16 34.22 -12.87
CA LEU A 766 -2.09 35.36 -12.78
C LEU A 766 -1.69 36.40 -11.72
N ALA A 767 -1.06 35.94 -10.63
CA ALA A 767 -0.63 36.86 -9.57
C ALA A 767 0.44 37.86 -10.05
N VAL A 768 1.52 37.33 -10.63
CA VAL A 768 2.57 38.16 -11.22
C VAL A 768 2.08 38.96 -12.45
N PHE A 769 1.09 38.42 -13.17
CA PHE A 769 0.43 39.13 -14.28
C PHE A 769 -0.29 40.37 -13.77
N ILE A 770 -1.17 40.19 -12.81
CA ILE A 770 -1.92 41.32 -12.23
C ILE A 770 -1.02 42.23 -11.38
N ASP A 771 0.10 41.69 -10.87
CA ASP A 771 1.13 42.49 -10.21
C ASP A 771 1.77 43.46 -11.20
N PHE A 772 2.27 42.94 -12.32
CA PHE A 772 2.94 43.80 -13.33
C PHE A 772 2.00 44.84 -13.96
N LEU A 773 0.72 44.49 -14.13
CA LEU A 773 -0.29 45.46 -14.54
C LEU A 773 -0.62 46.50 -13.46
N LEU A 774 -0.14 46.30 -12.22
CA LEU A 774 -0.38 47.23 -11.12
C LEU A 774 0.76 48.23 -10.86
N GLN A 775 2.03 47.81 -11.00
CA GLN A 775 3.15 48.76 -10.88
C GLN A 775 3.18 49.78 -12.03
N ILE A 776 2.78 49.33 -13.21
CA ILE A 776 2.68 50.20 -14.40
C ILE A 776 1.54 51.21 -14.25
N THR A 777 0.48 50.83 -13.52
CA THR A 777 -0.63 51.73 -13.19
C THR A 777 -0.39 52.51 -11.90
N CYS A 778 -0.35 51.79 -10.76
CA CYS A 778 -0.38 52.39 -9.43
C CYS A 778 0.95 52.98 -8.97
N PHE A 779 2.04 52.22 -9.10
CA PHE A 779 3.34 52.60 -8.53
C PHE A 779 3.96 53.82 -9.19
N VAL A 780 4.04 53.82 -10.52
CA VAL A 780 4.71 54.89 -11.27
C VAL A 780 4.00 56.25 -11.14
N SER A 781 2.69 56.23 -10.99
CA SER A 781 1.89 57.46 -10.79
C SER A 781 2.19 58.16 -9.47
N LEU A 782 2.48 57.38 -8.41
CA LEU A 782 2.80 57.93 -7.09
C LEU A 782 4.30 58.11 -6.80
N LEU A 783 5.15 57.83 -7.79
CA LEU A 783 6.57 58.22 -7.73
C LEU A 783 6.72 59.74 -7.79
N GLY A 784 5.97 60.36 -8.71
CA GLY A 784 5.90 61.83 -8.81
C GLY A 784 5.58 62.53 -7.50
N LEU A 785 4.66 61.95 -6.73
CA LEU A 785 4.31 62.43 -5.38
C LEU A 785 5.52 62.38 -4.43
N ASP A 786 6.35 61.35 -4.55
CA ASP A 786 7.58 61.22 -3.77
C ASP A 786 8.62 62.28 -4.16
N ILE A 787 8.72 62.57 -5.45
CA ILE A 787 9.63 63.63 -5.95
C ILE A 787 9.11 65.01 -5.54
N LYS A 788 7.79 65.19 -5.57
CA LYS A 788 7.15 66.39 -4.97
C LYS A 788 7.44 66.50 -3.48
N ARG A 789 7.34 65.38 -2.77
CA ARG A 789 7.63 65.33 -1.33
C ARG A 789 9.10 65.64 -1.02
N GLN A 790 10.02 65.16 -1.86
CA GLN A 790 11.45 65.47 -1.73
C GLN A 790 11.89 66.78 -2.40
N GLU A 791 10.98 67.43 -3.14
CA GLU A 791 11.19 68.82 -3.59
C GLU A 791 11.03 69.81 -2.45
N LYS A 792 10.03 69.61 -1.60
CA LYS A 792 9.80 70.47 -0.42
C LYS A 792 10.90 70.37 0.67
N ASN A 793 11.64 69.27 0.68
CA ASN A 793 12.74 69.02 1.64
C ASN A 793 12.29 68.97 3.12
N ARG A 794 11.05 68.54 3.36
CA ARG A 794 10.57 68.25 4.71
C ARG A 794 10.03 66.83 4.75
N LEU A 795 9.96 66.27 5.95
CA LEU A 795 9.63 64.85 6.15
C LEU A 795 8.12 64.57 6.08
N ASP A 796 7.76 63.29 6.21
CA ASP A 796 6.37 62.80 6.08
C ASP A 796 5.29 63.69 6.71
N GLU A 814 23.70 60.04 -5.64
CA GLU A 814 24.59 60.83 -6.49
C GLU A 814 25.71 59.97 -7.11
N SER A 815 25.31 58.84 -7.69
CA SER A 815 26.23 57.85 -8.29
C SER A 815 27.34 57.43 -7.32
N CYS A 816 26.96 57.14 -6.08
CA CYS A 816 27.92 56.92 -4.97
C CYS A 816 27.85 55.56 -4.24
N LEU A 817 26.73 54.84 -4.36
CA LEU A 817 26.48 53.66 -3.52
C LEU A 817 27.18 52.39 -4.01
N PHE A 818 26.92 51.98 -5.25
CA PHE A 818 27.53 50.78 -5.84
C PHE A 818 28.37 51.03 -7.10
N ARG A 819 28.20 52.17 -7.76
CA ARG A 819 28.94 52.45 -9.00
C ARG A 819 30.46 52.52 -8.78
N PHE A 820 30.87 53.01 -7.60
CA PHE A 820 32.27 52.88 -7.16
C PHE A 820 32.70 51.42 -7.04
N PHE A 821 31.81 50.57 -6.51
CA PHE A 821 32.08 49.13 -6.35
C PHE A 821 32.11 48.38 -7.69
N LYS A 822 31.08 48.60 -8.52
CA LYS A 822 30.92 47.87 -9.77
C LYS A 822 31.89 48.30 -10.87
N ASN A 823 32.24 49.59 -10.93
CA ASN A 823 33.28 50.05 -11.87
C ASN A 823 34.67 49.49 -11.54
N SER A 824 34.92 49.17 -10.27
CA SER A 824 36.14 48.48 -9.84
C SER A 824 36.03 46.95 -10.00
N TYR A 825 34.85 46.40 -9.71
CA TYR A 825 34.64 44.94 -9.78
C TYR A 825 34.47 44.40 -11.21
N SER A 826 33.84 45.18 -12.10
CA SER A 826 33.47 44.69 -13.44
C SER A 826 34.64 44.34 -14.38
N PRO A 827 35.63 45.25 -14.54
CA PRO A 827 36.64 45.01 -15.59
C PRO A 827 37.59 43.83 -15.37
N LEU A 828 37.84 43.44 -14.10
CA LEU A 828 38.73 42.30 -13.80
C LEU A 828 38.18 40.94 -14.26
N LEU A 829 36.85 40.83 -14.41
CA LEU A 829 36.22 39.64 -14.99
C LEU A 829 36.55 39.48 -16.47
N LEU A 830 36.29 40.55 -17.23
CA LEU A 830 36.39 40.53 -18.70
C LEU A 830 37.82 40.72 -19.27
N LYS A 831 38.83 40.71 -18.41
CA LYS A 831 40.22 40.61 -18.86
C LYS A 831 40.50 39.22 -19.44
N ASP A 832 41.62 39.12 -20.15
CA ASP A 832 42.14 37.83 -20.63
C ASP A 832 42.67 36.93 -19.50
N TRP A 833 42.93 37.52 -18.33
CA TRP A 833 43.51 36.81 -17.18
C TRP A 833 42.56 35.82 -16.49
N MET A 834 41.27 36.18 -16.38
CA MET A 834 40.28 35.36 -15.66
C MET A 834 39.21 34.66 -16.52
N ARG A 835 39.11 35.01 -17.81
CA ARG A 835 37.97 34.54 -18.63
C ARG A 835 37.94 33.05 -19.02
N PRO A 836 39.12 32.37 -19.09
CA PRO A 836 39.07 30.90 -19.19
C PRO A 836 38.76 30.17 -17.87
N ILE A 837 39.01 30.81 -16.73
CA ILE A 837 38.86 30.18 -15.41
C ILE A 837 37.37 30.06 -15.05
N VAL A 838 36.66 31.18 -15.12
CA VAL A 838 35.22 31.23 -14.80
C VAL A 838 34.30 30.56 -15.82
N ILE A 839 34.81 30.20 -17.00
CA ILE A 839 34.08 29.30 -17.92
C ILE A 839 34.42 27.82 -17.66
N ALA A 840 35.67 27.54 -17.30
CA ALA A 840 36.12 26.17 -17.01
C ALA A 840 35.50 25.60 -15.73
N ILE A 841 35.40 26.42 -14.69
CA ILE A 841 34.77 26.01 -13.43
C ILE A 841 33.27 25.75 -13.64
N PHE A 842 32.59 26.70 -14.27
CA PHE A 842 31.13 26.64 -14.43
C PHE A 842 30.62 25.84 -15.64
N VAL A 843 31.53 25.18 -16.35
CA VAL A 843 31.19 24.00 -17.19
C VAL A 843 31.55 22.69 -16.44
N GLY A 844 32.58 22.74 -15.60
CA GLY A 844 32.93 21.64 -14.70
C GLY A 844 31.80 21.22 -13.76
N VAL A 845 31.11 22.21 -13.19
CA VAL A 845 29.94 21.94 -12.33
C VAL A 845 28.75 21.36 -13.12
N LEU A 846 28.63 21.74 -14.40
CA LEU A 846 27.66 21.11 -15.31
C LEU A 846 28.06 19.65 -15.60
N SER A 847 29.36 19.43 -15.83
CA SER A 847 29.88 18.06 -16.01
C SER A 847 29.74 17.21 -14.73
N PHE A 848 29.79 17.87 -13.57
CA PHE A 848 29.49 17.22 -12.28
C PHE A 848 28.00 16.94 -12.13
N SER A 849 27.16 17.91 -12.49
CA SER A 849 25.71 17.79 -12.34
C SER A 849 25.08 16.81 -13.33
N ILE A 850 25.63 16.72 -14.55
CA ILE A 850 25.18 15.73 -15.54
C ILE A 850 25.57 14.29 -15.15
N ALA A 851 26.62 14.14 -14.34
CA ALA A 851 27.09 12.83 -13.88
C ALA A 851 26.10 12.11 -12.98
N VAL A 852 25.69 12.78 -11.90
CA VAL A 852 24.84 12.17 -10.86
C VAL A 852 23.32 12.33 -11.08
N LEU A 853 22.91 12.63 -12.32
CA LEU A 853 21.50 12.61 -12.70
C LEU A 853 20.92 11.18 -12.72
N ASN A 854 21.79 10.19 -12.88
CA ASN A 854 21.41 8.77 -12.75
C ASN A 854 20.96 8.43 -11.32
N LYS A 855 21.61 9.02 -10.32
CA LYS A 855 21.26 8.86 -8.91
C LYS A 855 20.34 9.98 -8.39
N VAL A 856 19.36 10.39 -9.21
CA VAL A 856 18.32 11.32 -8.76
C VAL A 856 17.32 10.53 -7.89
N ASP A 857 17.04 11.05 -6.70
CA ASP A 857 16.25 10.32 -5.71
C ASP A 857 14.76 10.50 -5.97
N ILE A 858 14.03 9.38 -5.99
CA ILE A 858 12.60 9.34 -6.33
C ILE A 858 11.77 8.95 -5.09
N GLY A 859 10.58 9.54 -4.98
CA GLY A 859 9.64 9.20 -3.91
C GLY A 859 9.88 9.91 -2.59
N LEU A 860 8.81 10.47 -2.01
CA LEU A 860 8.86 11.11 -0.69
C LEU A 860 8.81 10.06 0.41
N ASP A 861 9.69 10.20 1.40
CA ASP A 861 9.63 9.36 2.59
C ASP A 861 8.44 9.78 3.47
N GLN A 862 7.59 8.81 3.78
CA GLN A 862 6.35 9.03 4.54
C GLN A 862 6.60 9.54 5.96
N SER A 863 7.65 9.03 6.60
CA SER A 863 7.97 9.35 8.00
C SER A 863 8.79 10.64 8.21
N LEU A 864 9.06 11.39 7.13
CA LEU A 864 9.71 12.71 7.23
C LEU A 864 8.68 13.84 7.07
N SER A 865 7.51 13.68 7.71
CA SER A 865 6.47 14.71 7.73
C SER A 865 5.72 14.69 9.07
N MET A 866 6.44 14.44 10.15
CA MET A 866 5.87 14.32 11.49
C MET A 866 6.73 15.07 12.51
N PRO A 867 6.09 15.60 13.59
CA PRO A 867 6.88 16.12 14.71
C PRO A 867 7.65 15.02 15.43
N ASP A 868 8.88 15.31 15.84
CA ASP A 868 9.77 14.31 16.49
C ASP A 868 9.23 13.81 17.83
N ASP A 869 8.53 14.69 18.56
CA ASP A 869 7.93 14.32 19.86
C ASP A 869 6.62 13.50 19.78
N SER A 870 6.13 13.23 18.56
CA SER A 870 4.86 12.52 18.38
C SER A 870 4.96 11.01 18.61
N TYR A 871 3.79 10.40 18.81
CA TYR A 871 3.62 8.94 18.89
C TYR A 871 3.71 8.24 17.52
N MET A 872 3.45 8.99 16.45
CA MET A 872 3.48 8.44 15.09
C MET A 872 4.86 7.98 14.63
N VAL A 873 5.87 8.82 14.83
CA VAL A 873 7.27 8.45 14.50
C VAL A 873 7.73 7.19 15.26
N ASP A 874 7.24 7.02 16.50
CA ASP A 874 7.45 5.78 17.26
C ASP A 874 6.74 4.60 16.60
N TYR A 875 5.55 4.84 16.05
CA TYR A 875 4.82 3.82 15.30
C TYR A 875 5.52 3.43 13.99
N PHE A 876 6.02 4.42 13.25
CA PHE A 876 6.77 4.13 12.00
C PHE A 876 8.16 3.52 12.23
N LYS A 877 8.69 3.66 13.45
CA LYS A 877 9.82 2.83 13.90
C LYS A 877 9.39 1.38 14.15
N SER A 878 8.23 1.21 14.81
CA SER A 878 7.72 -0.11 15.18
C SER A 878 7.25 -0.96 14.00
N ILE A 879 6.40 -0.38 13.14
CA ILE A 879 5.78 -1.11 12.01
C ILE A 879 6.80 -1.72 11.04
N SER A 880 7.91 -1.02 10.80
CA SER A 880 9.01 -1.54 9.99
C SER A 880 9.85 -2.61 10.71
N GLN A 881 9.67 -2.73 12.03
CA GLN A 881 10.48 -3.59 12.88
C GLN A 881 9.80 -4.93 13.25
N TYR A 882 8.47 -4.93 13.42
CA TYR A 882 7.76 -6.10 13.96
C TYR A 882 6.89 -6.89 12.97
N LEU A 883 5.93 -6.22 12.31
CA LEU A 883 4.94 -6.91 11.46
C LEU A 883 5.53 -7.55 10.21
N HIS A 884 4.79 -8.51 9.65
CA HIS A 884 5.16 -9.20 8.40
C HIS A 884 4.03 -9.21 7.35
N ALA A 885 2.99 -8.41 7.56
CA ALA A 885 1.85 -8.36 6.65
C ALA A 885 1.25 -6.96 6.69
N GLY A 886 1.52 -6.19 5.64
CA GLY A 886 1.14 -4.77 5.61
C GLY A 886 -0.31 -4.56 5.19
N PRO A 887 -0.56 -3.64 4.24
CA PRO A 887 -1.94 -3.42 3.80
C PRO A 887 -2.44 -4.52 2.87
N PRO A 888 -3.76 -4.80 2.88
CA PRO A 888 -4.31 -5.79 1.96
C PRO A 888 -4.42 -5.28 0.52
N VAL A 889 -4.53 -6.22 -0.42
CA VAL A 889 -4.82 -5.92 -1.81
C VAL A 889 -5.96 -6.79 -2.32
N TYR A 890 -6.83 -6.19 -3.15
CA TYR A 890 -7.96 -6.88 -3.76
C TYR A 890 -7.78 -6.96 -5.26
N PHE A 891 -7.94 -8.15 -5.83
CA PHE A 891 -7.88 -8.36 -7.29
C PHE A 891 -9.29 -8.49 -7.85
N VAL A 892 -9.83 -7.36 -8.29
CA VAL A 892 -11.24 -7.26 -8.70
C VAL A 892 -11.42 -7.60 -10.18
N LEU A 893 -12.26 -8.60 -10.44
CA LEU A 893 -12.61 -9.03 -11.78
C LEU A 893 -14.02 -8.51 -12.07
N GLU A 894 -14.14 -7.60 -13.05
CA GLU A 894 -15.43 -6.95 -13.36
C GLU A 894 -16.46 -7.90 -13.99
N GLU A 895 -17.69 -7.41 -14.14
CA GLU A 895 -18.76 -8.16 -14.80
C GLU A 895 -18.42 -8.45 -16.25
N GLY A 896 -18.85 -9.64 -16.72
CA GLY A 896 -18.57 -10.09 -18.09
C GLY A 896 -18.18 -11.55 -18.21
N HIS A 897 -17.59 -12.11 -17.15
CA HIS A 897 -17.13 -13.51 -17.17
C HIS A 897 -18.27 -14.50 -16.92
N ASP A 898 -18.08 -15.72 -17.40
CA ASP A 898 -19.13 -16.76 -17.43
C ASP A 898 -19.45 -17.38 -16.07
N TYR A 899 -18.46 -18.06 -15.47
CA TYR A 899 -18.61 -18.85 -14.22
C TYR A 899 -19.59 -20.06 -14.24
N THR A 900 -20.12 -20.43 -15.41
CA THR A 900 -21.01 -21.58 -15.53
C THR A 900 -20.32 -22.69 -16.31
N SER A 901 -19.91 -22.39 -17.55
CA SER A 901 -19.15 -23.34 -18.38
C SER A 901 -17.79 -23.66 -17.77
N SER A 902 -17.23 -24.82 -18.16
CA SER A 902 -16.00 -25.37 -17.57
C SER A 902 -14.83 -24.38 -17.58
N LYS A 903 -14.58 -23.81 -18.76
CA LYS A 903 -13.57 -22.75 -18.91
C LYS A 903 -13.87 -21.52 -18.02
N GLY A 904 -15.16 -21.21 -17.86
CA GLY A 904 -15.62 -20.19 -16.92
C GLY A 904 -15.09 -20.38 -15.51
N GLN A 905 -15.13 -21.64 -15.03
CA GLN A 905 -14.46 -22.00 -13.77
C GLN A 905 -12.94 -21.97 -13.94
N ASN A 906 -12.43 -22.68 -14.95
CA ASN A 906 -10.98 -22.87 -15.13
C ASN A 906 -10.15 -21.58 -15.20
N MET A 907 -10.74 -20.45 -15.60
CA MET A 907 -10.04 -19.17 -15.53
C MET A 907 -9.78 -18.68 -14.09
N VAL A 908 -10.70 -18.95 -13.18
CA VAL A 908 -10.55 -18.58 -11.74
C VAL A 908 -10.30 -19.77 -10.79
N CYS A 909 -10.23 -20.96 -11.36
CA CYS A 909 -10.10 -22.22 -10.60
C CYS A 909 -8.74 -22.33 -9.89
N GLY A 910 -8.68 -23.16 -8.86
CA GLY A 910 -7.45 -23.35 -8.08
C GLY A 910 -7.36 -24.72 -7.43
N GLY A 911 -6.50 -25.57 -7.98
CA GLY A 911 -6.27 -26.91 -7.43
C GLY A 911 -7.31 -27.92 -7.87
N MET A 912 -7.38 -29.03 -7.13
CA MET A 912 -8.25 -30.20 -7.42
C MET A 912 -8.30 -30.64 -8.90
N GLY A 913 -7.11 -30.81 -9.49
CA GLY A 913 -6.98 -31.31 -10.87
C GLY A 913 -7.49 -30.31 -11.87
N CYS A 914 -6.71 -29.26 -12.08
CA CYS A 914 -7.17 -28.08 -12.82
C CYS A 914 -5.98 -27.39 -13.50
N ASN A 915 -6.27 -26.40 -14.34
CA ASN A 915 -5.23 -25.75 -15.15
C ASN A 915 -4.24 -24.94 -14.32
N ASN A 916 -3.01 -24.85 -14.85
CA ASN A 916 -1.86 -24.26 -14.14
C ASN A 916 -1.62 -22.77 -14.45
N ASP A 917 -2.52 -22.16 -15.22
CA ASP A 917 -2.42 -20.76 -15.63
C ASP A 917 -3.59 -19.91 -15.13
N SER A 918 -4.31 -20.39 -14.12
CA SER A 918 -5.49 -19.71 -13.59
C SER A 918 -5.11 -18.53 -12.69
N LEU A 919 -6.11 -17.80 -12.20
CA LEU A 919 -5.89 -16.56 -11.45
C LEU A 919 -5.26 -16.81 -10.07
N VAL A 920 -5.99 -17.53 -9.21
CA VAL A 920 -5.51 -17.85 -7.85
C VAL A 920 -4.21 -18.65 -7.83
N GLN A 921 -4.03 -19.49 -8.85
CA GLN A 921 -2.77 -20.20 -9.07
C GLN A 921 -1.61 -19.23 -9.30
N GLN A 922 -1.81 -18.24 -10.16
CA GLN A 922 -0.79 -17.22 -10.45
C GLN A 922 -0.53 -16.30 -9.25
N ILE A 923 -1.56 -16.07 -8.43
CA ILE A 923 -1.38 -15.37 -7.15
C ILE A 923 -0.51 -16.25 -6.24
N PHE A 924 -0.84 -17.54 -6.17
CA PHE A 924 -0.09 -18.50 -5.36
C PHE A 924 1.38 -18.67 -5.80
N ASN A 925 1.64 -18.61 -7.11
CA ASN A 925 3.02 -18.68 -7.62
C ASN A 925 3.85 -17.45 -7.26
N ALA A 926 3.23 -16.27 -7.26
CA ALA A 926 3.89 -15.02 -6.87
C ALA A 926 4.01 -14.82 -5.35
N ALA A 927 3.35 -15.65 -4.56
CA ALA A 927 3.38 -15.57 -3.10
C ALA A 927 4.74 -15.92 -2.49
N GLN A 928 5.37 -16.98 -2.99
CA GLN A 928 6.68 -17.42 -2.48
C GLN A 928 7.80 -16.43 -2.84
N LEU A 929 7.65 -15.75 -3.97
CA LEU A 929 8.62 -14.78 -4.46
C LEU A 929 8.29 -13.38 -3.92
N ASP A 930 8.29 -13.27 -2.59
CA ASP A 930 7.87 -12.04 -1.90
C ASP A 930 8.86 -10.89 -2.04
N ASN A 931 10.15 -11.20 -1.99
CA ASN A 931 11.21 -10.20 -2.21
C ASN A 931 11.34 -9.80 -3.68
N TYR A 932 10.98 -10.72 -4.59
CA TYR A 932 10.89 -10.40 -6.02
C TYR A 932 9.70 -9.47 -6.26
N THR A 933 8.49 -9.99 -6.01
CA THR A 933 7.25 -9.23 -6.21
C THR A 933 6.57 -9.10 -4.85
N ARG A 934 6.28 -7.87 -4.44
CA ARG A 934 5.84 -7.59 -3.07
C ARG A 934 4.38 -8.00 -2.84
N ILE A 935 4.17 -9.32 -2.79
CA ILE A 935 2.90 -9.91 -2.38
C ILE A 935 3.25 -11.03 -1.40
N GLY A 936 2.67 -10.97 -0.22
CA GLY A 936 3.05 -11.84 0.88
C GLY A 936 2.61 -13.28 0.77
N PHE A 937 1.30 -13.51 0.85
CA PHE A 937 0.75 -14.82 1.26
C PHE A 937 -0.43 -15.31 0.42
N ALA A 938 -1.00 -16.46 0.82
CA ALA A 938 -2.03 -17.18 0.08
C ALA A 938 -3.24 -16.33 -0.37
N PRO A 939 -3.86 -16.69 -1.50
CA PRO A 939 -4.99 -15.93 -2.04
C PRO A 939 -6.29 -16.09 -1.23
N SER A 940 -6.55 -17.28 -0.69
CA SER A 940 -7.74 -17.56 0.14
C SER A 940 -9.06 -17.17 -0.53
N SER A 941 -9.33 -17.81 -1.67
CA SER A 941 -10.49 -17.49 -2.51
C SER A 941 -11.78 -18.14 -2.02
N TRP A 942 -12.88 -17.83 -2.71
CA TRP A 942 -14.20 -18.42 -2.44
C TRP A 942 -14.56 -19.57 -3.38
N ILE A 943 -14.14 -19.49 -4.64
CA ILE A 943 -14.51 -20.46 -5.67
C ILE A 943 -14.13 -21.91 -5.31
N ASP A 944 -13.00 -22.08 -4.64
CA ASP A 944 -12.55 -23.40 -4.15
C ASP A 944 -13.28 -23.85 -2.86
N ASP A 945 -13.55 -22.91 -1.96
CA ASP A 945 -14.27 -23.19 -0.70
C ASP A 945 -15.74 -23.55 -0.97
N TYR A 946 -16.34 -22.84 -1.94
CA TYR A 946 -17.69 -23.12 -2.41
C TYR A 946 -17.84 -24.57 -2.88
N PHE A 947 -16.86 -25.05 -3.65
CA PHE A 947 -16.85 -26.43 -4.12
C PHE A 947 -16.77 -27.45 -2.98
N ASP A 948 -16.00 -27.14 -1.94
CA ASP A 948 -15.98 -27.97 -0.72
C ASP A 948 -17.32 -27.94 0.03
N TRP A 949 -18.02 -26.80 -0.01
CA TRP A 949 -19.35 -26.68 0.57
C TRP A 949 -20.42 -27.43 -0.21
N VAL A 950 -20.37 -27.36 -1.55
CA VAL A 950 -21.32 -28.11 -2.42
C VAL A 950 -20.88 -29.55 -2.75
N LYS A 951 -19.70 -29.96 -2.25
CA LYS A 951 -19.22 -31.34 -2.39
C LYS A 951 -20.19 -32.35 -1.72
N PRO A 952 -20.58 -33.45 -2.42
CA PRO A 952 -21.62 -34.35 -1.90
C PRO A 952 -21.39 -34.98 -0.53
N GLN A 953 -20.12 -35.27 -0.20
CA GLN A 953 -19.75 -35.82 1.11
C GLN A 953 -19.64 -34.78 2.25
N SER A 954 -19.98 -33.52 1.97
CA SER A 954 -19.92 -32.45 2.98
C SER A 954 -20.85 -32.68 4.17
N SER A 955 -22.06 -33.18 3.90
CA SER A 955 -23.16 -33.27 4.87
C SER A 955 -23.49 -31.92 5.50
N CYS A 956 -23.38 -30.86 4.69
CA CYS A 956 -23.56 -29.47 5.14
C CYS A 956 -24.91 -28.96 4.71
N CYS A 957 -25.09 -28.81 3.39
CA CYS A 957 -26.30 -28.24 2.85
C CYS A 957 -27.38 -29.31 2.70
N ARG A 958 -28.61 -28.95 3.04
CA ARG A 958 -29.78 -29.81 2.85
C ARG A 958 -30.86 -28.95 2.21
N VAL A 959 -31.31 -29.32 1.02
CA VAL A 959 -32.43 -28.63 0.35
C VAL A 959 -33.75 -29.30 0.76
N ASP A 960 -34.80 -28.49 0.93
CA ASP A 960 -36.12 -29.01 1.31
C ASP A 960 -36.71 -29.86 0.19
N ASN A 961 -37.45 -30.88 0.60
CA ASN A 961 -38.03 -31.86 -0.32
C ASN A 961 -39.16 -31.27 -1.17
N ILE A 962 -39.88 -30.29 -0.61
CA ILE A 962 -41.11 -29.74 -1.24
C ILE A 962 -40.99 -28.32 -1.80
N THR A 963 -40.20 -27.46 -1.16
CA THR A 963 -40.12 -26.03 -1.51
C THR A 963 -38.71 -25.51 -1.88
N ASP A 964 -37.70 -26.38 -1.84
CA ASP A 964 -36.30 -26.00 -2.10
C ASP A 964 -35.74 -24.90 -1.19
N GLN A 965 -36.24 -24.84 0.05
CA GLN A 965 -35.71 -23.93 1.06
C GLN A 965 -34.51 -24.61 1.70
N PHE A 966 -33.55 -23.79 2.11
CA PHE A 966 -32.33 -24.29 2.75
C PHE A 966 -32.60 -24.73 4.18
N CYS A 967 -32.56 -26.05 4.41
CA CYS A 967 -32.51 -26.59 5.77
C CYS A 967 -31.13 -26.25 6.35
N ASN A 968 -31.10 -25.86 7.61
CA ASN A 968 -29.86 -25.52 8.29
C ASN A 968 -29.04 -26.78 8.57
N ALA A 969 -27.72 -26.65 8.63
CA ALA A 969 -26.83 -27.79 8.89
C ALA A 969 -26.93 -28.34 10.32
N SER A 970 -27.33 -27.48 11.27
CA SER A 970 -27.46 -27.86 12.69
C SER A 970 -28.91 -28.03 13.15
N VAL A 971 -29.82 -28.33 12.22
CA VAL A 971 -31.21 -28.68 12.54
C VAL A 971 -31.34 -30.20 12.47
N VAL A 972 -32.37 -30.74 13.11
CA VAL A 972 -32.58 -32.21 13.22
C VAL A 972 -32.65 -32.98 11.88
N ASP A 973 -33.08 -32.30 10.82
CA ASP A 973 -33.15 -32.85 9.44
C ASP A 973 -34.11 -34.05 9.35
N PRO A 974 -35.42 -33.79 9.51
CA PRO A 974 -36.41 -34.88 9.49
C PRO A 974 -36.78 -35.39 8.09
N ALA A 975 -37.01 -34.47 7.15
CA ALA A 975 -37.49 -34.82 5.81
C ALA A 975 -37.05 -33.81 4.75
N CYS A 976 -35.75 -33.50 4.73
CA CYS A 976 -35.15 -32.68 3.67
C CYS A 976 -33.82 -33.26 3.20
N VAL A 977 -33.58 -33.16 1.89
CA VAL A 977 -32.67 -34.03 1.16
C VAL A 977 -31.36 -33.34 0.76
N ARG A 978 -30.34 -34.14 0.44
CA ARG A 978 -29.06 -33.67 -0.12
C ARG A 978 -29.20 -32.70 -1.30
N CYS A 979 -28.26 -31.76 -1.43
CA CYS A 979 -28.24 -30.81 -2.54
C CYS A 979 -27.85 -31.52 -3.85
N ARG A 980 -26.64 -32.07 -3.84
CA ARG A 980 -26.08 -32.76 -5.00
C ARG A 980 -26.39 -34.25 -4.85
N PRO A 981 -27.04 -34.88 -5.85
CA PRO A 981 -27.26 -36.33 -5.73
C PRO A 981 -25.95 -37.10 -5.71
N LEU A 982 -25.79 -38.02 -4.76
CA LEU A 982 -24.54 -38.74 -4.56
C LEU A 982 -24.34 -39.77 -5.67
N THR A 983 -23.87 -39.26 -6.80
CA THR A 983 -23.66 -40.05 -8.02
C THR A 983 -22.28 -39.71 -8.59
N PRO A 984 -21.61 -40.70 -9.22
CA PRO A 984 -20.25 -40.47 -9.75
C PRO A 984 -20.18 -39.36 -10.82
N GLU A 985 -21.25 -39.21 -11.60
CA GLU A 985 -21.39 -38.06 -12.51
C GLU A 985 -21.64 -36.74 -11.75
N GLY A 986 -22.36 -36.83 -10.62
CA GLY A 986 -22.65 -35.69 -9.76
C GLY A 986 -21.54 -35.20 -8.84
N LYS A 987 -20.51 -36.04 -8.61
CA LYS A 987 -19.36 -35.64 -7.78
C LYS A 987 -18.52 -34.48 -8.33
N GLN A 988 -18.60 -34.23 -9.64
CA GLN A 988 -17.91 -33.10 -10.27
C GLN A 988 -18.53 -31.76 -9.89
N ARG A 989 -17.78 -30.69 -10.13
CA ARG A 989 -18.30 -29.32 -10.00
C ARG A 989 -19.45 -29.09 -10.97
N PRO A 990 -20.47 -28.28 -10.57
CA PRO A 990 -21.64 -28.05 -11.42
C PRO A 990 -21.33 -27.24 -12.68
N GLN A 991 -22.09 -27.51 -13.74
CA GLN A 991 -21.88 -26.90 -15.06
C GLN A 991 -23.01 -25.95 -15.46
N GLY A 992 -24.26 -26.39 -15.30
CA GLY A 992 -25.42 -25.57 -15.64
C GLY A 992 -25.72 -24.46 -14.66
N GLY A 993 -26.97 -24.00 -14.66
CA GLY A 993 -27.44 -22.95 -13.75
C GLY A 993 -27.64 -23.37 -12.30
N ASP A 994 -27.56 -24.68 -12.03
CA ASP A 994 -27.65 -25.23 -10.67
C ASP A 994 -26.53 -24.69 -9.76
N PHE A 995 -25.36 -24.46 -10.35
CA PHE A 995 -24.23 -23.75 -9.73
C PHE A 995 -24.68 -22.43 -9.09
N MET A 996 -25.26 -21.56 -9.91
CA MET A 996 -25.73 -20.24 -9.46
C MET A 996 -27.05 -20.32 -8.69
N ARG A 997 -27.78 -21.42 -8.87
CA ARG A 997 -28.97 -21.73 -8.05
C ARG A 997 -28.60 -22.07 -6.61
N PHE A 998 -27.51 -22.84 -6.43
CA PHE A 998 -27.00 -23.16 -5.08
C PHE A 998 -26.17 -22.06 -4.41
N LEU A 999 -25.67 -21.10 -5.18
CA LEU A 999 -24.72 -20.08 -4.68
C LEU A 999 -25.23 -19.14 -3.57
N PRO A 1000 -26.48 -18.63 -3.67
CA PRO A 1000 -26.98 -17.73 -2.61
C PRO A 1000 -27.14 -18.39 -1.24
N MET A 1001 -27.47 -19.69 -1.22
CA MET A 1001 -27.54 -20.46 0.02
C MET A 1001 -26.17 -20.62 0.69
N PHE A 1002 -25.11 -20.68 -0.12
CA PHE A 1002 -23.74 -20.59 0.40
C PHE A 1002 -23.47 -19.20 0.98
N LEU A 1003 -23.87 -18.16 0.23
CA LEU A 1003 -23.76 -16.77 0.71
C LEU A 1003 -24.61 -16.45 1.95
N SER A 1004 -25.65 -17.25 2.21
CA SER A 1004 -26.48 -17.09 3.42
C SER A 1004 -26.32 -18.27 4.39
N ASP A 1005 -25.08 -18.62 4.69
CA ASP A 1005 -24.75 -19.70 5.64
C ASP A 1005 -23.78 -19.23 6.72
N ASN A 1006 -24.23 -19.28 7.98
CA ASN A 1006 -23.37 -19.06 9.15
C ASN A 1006 -22.53 -20.31 9.42
N PRO A 1007 -21.39 -20.16 10.13
CA PRO A 1007 -20.57 -21.32 10.49
C PRO A 1007 -21.22 -22.20 11.57
N ASN A 1008 -21.61 -23.41 11.18
CA ASN A 1008 -22.19 -24.40 12.10
C ASN A 1008 -21.10 -25.40 12.52
N PRO A 1009 -21.19 -25.95 13.76
CA PRO A 1009 -20.17 -26.91 14.22
C PRO A 1009 -20.07 -28.21 13.41
N LYS A 1010 -21.21 -28.73 12.95
CA LYS A 1010 -21.24 -29.96 12.13
C LYS A 1010 -20.70 -29.77 10.70
N CYS A 1011 -20.71 -28.52 10.22
CA CYS A 1011 -20.18 -28.16 8.91
C CYS A 1011 -18.90 -27.34 9.04
N GLY A 1012 -18.43 -26.78 7.92
CA GLY A 1012 -17.31 -25.84 7.90
C GLY A 1012 -17.73 -24.42 8.25
N LYS A 1013 -16.95 -23.46 7.75
CA LYS A 1013 -17.18 -22.03 8.05
C LYS A 1013 -18.37 -21.41 7.30
N GLY A 1014 -18.78 -22.01 6.17
CA GLY A 1014 -19.83 -21.45 5.33
C GLY A 1014 -19.30 -20.35 4.43
N GLY A 1015 -20.21 -19.50 3.95
CA GLY A 1015 -19.87 -18.36 3.07
C GLY A 1015 -20.13 -16.99 3.67
N HIS A 1016 -21.26 -16.85 4.37
CA HIS A 1016 -21.69 -15.56 4.94
C HIS A 1016 -20.74 -14.95 5.99
N ALA A 1017 -19.85 -15.77 6.55
CA ALA A 1017 -18.83 -15.29 7.49
C ALA A 1017 -17.86 -14.29 6.86
N ALA A 1018 -17.12 -14.74 5.85
CA ALA A 1018 -16.05 -13.94 5.21
C ALA A 1018 -16.23 -13.70 3.70
N TYR A 1019 -17.38 -14.10 3.13
CA TYR A 1019 -17.67 -13.89 1.71
C TYR A 1019 -19.06 -13.31 1.44
N SER A 1020 -19.66 -12.63 2.42
CA SER A 1020 -20.96 -11.98 2.25
C SER A 1020 -20.87 -10.76 1.34
N SER A 1021 -19.77 -10.02 1.43
CA SER A 1021 -19.49 -8.87 0.57
C SER A 1021 -18.53 -9.20 -0.60
N ALA A 1022 -18.24 -10.49 -0.81
CA ALA A 1022 -17.22 -10.92 -1.77
C ALA A 1022 -17.73 -10.91 -3.20
N VAL A 1023 -18.89 -11.56 -3.41
CA VAL A 1023 -19.50 -11.67 -4.73
C VAL A 1023 -20.87 -10.99 -4.75
N ASN A 1024 -21.09 -10.16 -5.77
CA ASN A 1024 -22.36 -9.46 -5.94
C ASN A 1024 -23.34 -10.34 -6.70
N ILE A 1025 -24.58 -10.40 -6.22
CA ILE A 1025 -25.65 -11.13 -6.90
C ILE A 1025 -26.57 -10.14 -7.62
N LEU A 1026 -27.08 -10.56 -8.78
CA LEU A 1026 -27.93 -9.72 -9.62
C LEU A 1026 -29.13 -10.52 -10.13
N LEU A 1027 -30.32 -9.98 -9.93
CA LEU A 1027 -31.57 -10.66 -10.26
C LEU A 1027 -32.18 -10.06 -11.54
N GLY A 1028 -32.38 -10.93 -12.54
CA GLY A 1028 -32.79 -10.52 -13.89
C GLY A 1028 -32.10 -11.42 -14.90
N HIS A 1029 -32.86 -11.89 -15.90
CA HIS A 1029 -32.44 -12.98 -16.79
C HIS A 1029 -32.06 -14.21 -15.94
N GLY A 1030 -33.04 -14.66 -15.15
CA GLY A 1030 -32.81 -15.68 -14.13
C GLY A 1030 -32.02 -15.08 -12.99
N THR A 1031 -30.73 -15.41 -12.93
CA THR A 1031 -29.78 -14.79 -12.01
C THR A 1031 -28.46 -14.49 -12.73
N ARG A 1032 -27.65 -13.65 -12.11
CA ARG A 1032 -26.32 -13.31 -12.61
C ARG A 1032 -25.41 -12.93 -11.44
N VAL A 1033 -24.11 -13.09 -11.63
CA VAL A 1033 -23.12 -12.75 -10.59
C VAL A 1033 -22.24 -11.59 -11.07
N GLY A 1034 -21.82 -10.77 -10.11
CA GLY A 1034 -21.15 -9.51 -10.39
C GLY A 1034 -19.65 -9.59 -10.25
N ALA A 1035 -19.09 -8.69 -9.45
CA ALA A 1035 -17.64 -8.58 -9.26
C ALA A 1035 -17.15 -9.52 -8.16
N THR A 1036 -15.95 -10.07 -8.37
CA THR A 1036 -15.31 -11.00 -7.44
C THR A 1036 -13.94 -10.47 -7.07
N TYR A 1037 -13.56 -10.55 -5.80
CA TYR A 1037 -12.21 -10.16 -5.37
C TYR A 1037 -11.57 -11.20 -4.46
N PHE A 1038 -10.25 -11.37 -4.64
CA PHE A 1038 -9.47 -12.37 -3.92
C PHE A 1038 -8.47 -11.65 -3.01
N MET A 1039 -8.84 -11.53 -1.74
CA MET A 1039 -8.07 -10.76 -0.77
C MET A 1039 -6.76 -11.45 -0.42
N THR A 1040 -5.65 -10.77 -0.64
CA THR A 1040 -4.34 -11.20 -0.14
C THR A 1040 -3.60 -10.01 0.46
N TYR A 1041 -2.49 -10.29 1.12
CA TYR A 1041 -1.76 -9.28 1.90
C TYR A 1041 -0.35 -9.05 1.37
N HIS A 1042 0.03 -7.78 1.25
CA HIS A 1042 1.41 -7.41 0.94
C HIS A 1042 2.32 -7.67 2.13
N THR A 1043 3.61 -7.86 1.83
CA THR A 1043 4.66 -7.90 2.84
C THR A 1043 4.74 -6.57 3.59
N VAL A 1044 5.53 -6.54 4.66
CA VAL A 1044 5.78 -5.29 5.40
C VAL A 1044 6.51 -4.29 4.50
N LEU A 1045 5.99 -3.07 4.44
CA LEU A 1045 6.53 -2.02 3.58
C LEU A 1045 6.84 -0.77 4.42
N GLN A 1046 8.02 -0.20 4.21
CA GLN A 1046 8.56 0.87 5.07
C GLN A 1046 8.89 2.18 4.35
N THR A 1047 9.45 2.11 3.14
CA THR A 1047 9.99 3.29 2.45
C THR A 1047 9.28 3.60 1.12
N SER A 1048 9.67 4.70 0.49
CA SER A 1048 9.08 5.18 -0.77
C SER A 1048 9.32 4.25 -1.95
N ALA A 1049 10.50 3.61 -1.98
CA ALA A 1049 10.84 2.62 -3.01
C ALA A 1049 9.90 1.40 -2.99
N ASP A 1050 9.53 0.97 -1.79
CA ASP A 1050 8.75 -0.26 -1.58
C ASP A 1050 7.34 -0.18 -2.18
N PHE A 1051 6.66 0.94 -1.92
CA PHE A 1051 5.28 1.15 -2.37
C PHE A 1051 5.15 1.13 -3.90
N ILE A 1052 6.00 1.92 -4.56
CA ILE A 1052 6.03 1.96 -6.04
C ILE A 1052 6.54 0.64 -6.65
N ASP A 1053 7.46 -0.04 -5.96
CA ASP A 1053 7.89 -1.38 -6.38
C ASP A 1053 6.75 -2.39 -6.28
N ALA A 1054 5.91 -2.26 -5.23
CA ALA A 1054 4.71 -3.09 -5.10
C ALA A 1054 3.67 -2.81 -6.19
N LEU A 1055 3.49 -1.54 -6.53
CA LEU A 1055 2.54 -1.12 -7.59
C LEU A 1055 2.88 -1.74 -8.95
N LYS A 1056 4.11 -1.54 -9.37
CA LYS A 1056 4.59 -1.98 -10.70
C LYS A 1056 4.35 -3.47 -10.93
N LYS A 1057 4.70 -4.28 -9.93
CA LYS A 1057 4.60 -5.73 -10.03
C LYS A 1057 3.18 -6.26 -9.77
N ALA A 1058 2.38 -5.51 -9.00
CA ALA A 1058 0.95 -5.80 -8.88
C ALA A 1058 0.22 -5.59 -10.21
N ARG A 1059 0.56 -4.51 -10.91
CA ARG A 1059 0.04 -4.24 -12.26
C ARG A 1059 0.60 -5.21 -13.30
N LEU A 1060 1.84 -5.64 -13.12
CA LEU A 1060 2.44 -6.68 -13.97
C LEU A 1060 1.64 -7.99 -13.87
N ILE A 1061 1.40 -8.44 -12.63
CA ILE A 1061 0.63 -9.67 -12.39
C ILE A 1061 -0.77 -9.59 -13.00
N ALA A 1062 -1.44 -8.45 -12.81
CA ALA A 1062 -2.80 -8.22 -13.34
C ALA A 1062 -2.85 -8.37 -14.86
N SER A 1063 -1.99 -7.59 -15.55
CA SER A 1063 -1.90 -7.63 -17.01
C SER A 1063 -1.37 -8.96 -17.55
N ASN A 1064 -0.52 -9.65 -16.78
CA ASN A 1064 -0.02 -10.98 -17.15
C ASN A 1064 -1.16 -11.98 -17.22
N VAL A 1065 -1.96 -12.05 -16.16
CA VAL A 1065 -3.15 -12.92 -16.15
C VAL A 1065 -4.28 -12.41 -17.06
N THR A 1066 -4.38 -11.10 -17.28
CA THR A 1066 -5.39 -10.55 -18.22
C THR A 1066 -5.24 -11.13 -19.62
N GLU A 1067 -4.04 -11.02 -20.19
CA GLU A 1067 -3.75 -11.49 -21.55
C GLU A 1067 -3.76 -13.02 -21.64
N THR A 1068 -3.28 -13.69 -20.60
CA THR A 1068 -3.33 -15.16 -20.52
C THR A 1068 -4.77 -15.70 -20.36
N MET A 1069 -5.63 -14.94 -19.68
CA MET A 1069 -7.03 -15.33 -19.46
C MET A 1069 -7.84 -15.43 -20.76
N GLY A 1070 -7.50 -14.62 -21.76
CA GLY A 1070 -8.10 -14.72 -23.09
C GLY A 1070 -9.49 -14.12 -23.15
N ILE A 1071 -9.55 -12.81 -22.92
CA ILE A 1071 -10.81 -12.04 -22.97
C ILE A 1071 -11.04 -11.48 -24.37
N ASN A 1072 -12.31 -11.28 -24.73
CA ASN A 1072 -12.69 -10.67 -26.00
C ASN A 1072 -12.87 -9.17 -25.79
N GLY A 1073 -11.93 -8.37 -26.31
CA GLY A 1073 -11.92 -6.92 -26.14
C GLY A 1073 -11.36 -6.51 -24.78
N SER A 1074 -11.68 -5.30 -24.36
CA SER A 1074 -11.32 -4.79 -23.03
C SER A 1074 -12.60 -4.50 -22.22
N ALA A 1075 -13.50 -5.49 -22.20
CA ALA A 1075 -14.77 -5.40 -21.50
C ALA A 1075 -14.60 -5.49 -19.99
N TYR A 1076 -13.67 -6.33 -19.54
CA TYR A 1076 -13.36 -6.49 -18.12
C TYR A 1076 -11.90 -6.89 -17.89
N ARG A 1077 -11.30 -6.32 -16.86
CA ARG A 1077 -9.90 -6.55 -16.49
C ARG A 1077 -9.82 -7.32 -15.17
N VAL A 1078 -8.62 -7.38 -14.60
CA VAL A 1078 -8.40 -7.93 -13.25
C VAL A 1078 -7.46 -7.00 -12.47
N PHE A 1079 -7.77 -5.70 -12.55
CA PHE A 1079 -7.01 -4.63 -11.88
C PHE A 1079 -6.91 -4.85 -10.36
N PRO A 1080 -5.74 -4.53 -9.76
CA PRO A 1080 -5.62 -4.60 -8.30
C PRO A 1080 -6.12 -3.34 -7.62
N TYR A 1081 -6.34 -3.42 -6.31
CA TYR A 1081 -6.71 -2.26 -5.50
C TYR A 1081 -6.19 -2.41 -4.08
N SER A 1082 -5.92 -1.28 -3.45
CA SER A 1082 -5.52 -1.20 -2.05
C SER A 1082 -5.87 0.19 -1.53
N VAL A 1083 -5.57 0.44 -0.26
CA VAL A 1083 -5.80 1.75 0.36
C VAL A 1083 -4.91 2.86 -0.21
N PHE A 1084 -3.71 2.51 -0.69
CA PHE A 1084 -2.68 3.51 -1.05
C PHE A 1084 -2.36 3.64 -2.55
N TYR A 1085 -3.19 3.05 -3.43
CA TYR A 1085 -2.95 3.13 -4.88
C TYR A 1085 -3.47 4.40 -5.57
N VAL A 1086 -3.94 5.38 -4.79
CA VAL A 1086 -4.14 6.75 -5.26
C VAL A 1086 -2.94 7.62 -4.88
N PHE A 1087 -2.38 7.40 -3.69
CA PHE A 1087 -1.28 8.23 -3.18
C PHE A 1087 0.08 7.93 -3.82
N TYR A 1088 0.21 6.83 -4.56
CA TYR A 1088 1.48 6.46 -5.22
C TYR A 1088 1.35 6.05 -6.70
N GLU A 1089 0.35 6.61 -7.41
CA GLU A 1089 0.22 6.44 -8.86
C GLU A 1089 1.02 7.50 -9.62
N GLN A 1090 1.00 8.74 -9.11
CA GLN A 1090 1.77 9.85 -9.70
C GLN A 1090 3.29 9.63 -9.71
N TYR A 1091 3.80 8.96 -8.68
CA TYR A 1091 5.23 8.63 -8.59
C TYR A 1091 5.70 7.62 -9.65
N LEU A 1092 4.77 6.80 -10.15
CA LEU A 1092 5.05 5.88 -11.26
C LEU A 1092 5.46 6.61 -12.53
N THR A 1093 4.83 7.76 -12.79
CA THR A 1093 5.07 8.56 -14.00
C THR A 1093 5.57 9.98 -13.68
N ILE A 1094 6.38 10.13 -12.64
CA ILE A 1094 6.97 11.44 -12.30
C ILE A 1094 8.10 11.82 -13.27
N ILE A 1095 8.85 10.83 -13.74
CA ILE A 1095 10.01 11.07 -14.60
C ILE A 1095 9.64 11.40 -16.06
N ASP A 1096 8.43 11.04 -16.48
CA ASP A 1096 7.94 11.35 -17.84
C ASP A 1096 7.41 12.79 -17.94
N ASP A 1097 6.46 13.12 -17.06
CA ASP A 1097 5.74 14.40 -17.15
C ASP A 1097 6.56 15.64 -16.80
N THR A 1098 7.61 15.50 -16.00
CA THR A 1098 8.54 16.62 -15.73
C THR A 1098 9.42 16.96 -16.95
N ILE A 1099 9.81 15.92 -17.71
CA ILE A 1099 10.56 16.09 -18.96
C ILE A 1099 9.66 16.78 -20.01
N PHE A 1100 8.36 16.53 -19.94
CA PHE A 1100 7.37 17.35 -20.64
C PHE A 1100 7.34 18.77 -20.04
N ASN A 1101 6.93 18.87 -18.78
CA ASN A 1101 6.52 20.14 -18.15
C ASN A 1101 7.60 21.24 -18.15
N LEU A 1102 8.75 20.94 -17.56
CA LEU A 1102 9.88 21.88 -17.53
C LEU A 1102 10.41 22.19 -18.94
N GLY A 1103 10.41 21.18 -19.80
CA GLY A 1103 10.81 21.34 -21.21
C GLY A 1103 9.90 22.25 -22.02
N VAL A 1104 8.59 22.14 -21.79
CA VAL A 1104 7.61 23.02 -22.44
C VAL A 1104 7.71 24.44 -21.88
N SER A 1105 7.86 24.56 -20.57
CA SER A 1105 8.11 25.86 -19.91
C SER A 1105 9.40 26.51 -20.40
N LEU A 1106 10.44 25.71 -20.59
CA LEU A 1106 11.72 26.13 -21.18
C LEU A 1106 11.55 26.51 -22.67
N GLY A 1107 10.72 25.74 -23.37
CA GLY A 1107 10.34 26.05 -24.75
C GLY A 1107 9.55 27.35 -24.90
N ALA A 1108 8.74 27.68 -23.90
CA ALA A 1108 8.06 28.98 -23.84
C ALA A 1108 9.05 30.15 -23.71
N ILE A 1109 10.10 29.95 -22.92
CA ILE A 1109 11.17 30.96 -22.76
C ILE A 1109 11.95 31.14 -24.06
N PHE A 1110 12.10 30.08 -24.86
CA PHE A 1110 12.68 30.18 -26.20
C PHE A 1110 11.80 30.99 -27.15
N LEU A 1111 10.49 30.72 -27.15
CA LEU A 1111 9.58 31.32 -28.14
C LEU A 1111 9.29 32.79 -27.90
N VAL A 1112 8.68 33.11 -26.76
CA VAL A 1112 8.18 34.46 -26.49
C VAL A 1112 9.26 35.57 -26.55
N THR A 1113 10.50 35.21 -26.18
CA THR A 1113 11.65 36.13 -26.33
C THR A 1113 11.94 36.47 -27.78
N MET A 1114 11.65 35.54 -28.70
CA MET A 1114 11.72 35.83 -30.15
C MET A 1114 10.70 36.90 -30.56
N VAL A 1115 9.50 36.83 -29.96
CA VAL A 1115 8.47 37.85 -30.18
C VAL A 1115 8.89 39.18 -29.54
N LEU A 1116 9.42 39.13 -28.32
CA LEU A 1116 9.80 40.37 -27.61
C LEU A 1116 11.07 41.05 -28.13
N LEU A 1117 12.09 40.27 -28.52
CA LEU A 1117 13.33 40.80 -29.08
C LEU A 1117 13.29 40.95 -30.61
N GLY A 1118 12.25 40.42 -31.26
CA GLY A 1118 12.09 40.53 -32.71
C GLY A 1118 13.08 39.67 -33.46
N CYS A 1119 14.20 40.28 -33.86
CA CYS A 1119 15.30 39.58 -34.52
C CYS A 1119 16.25 39.01 -33.44
N GLU A 1120 17.45 38.61 -33.84
CA GLU A 1120 18.49 38.10 -32.93
C GLU A 1120 18.10 36.76 -32.31
N LEU A 1121 18.22 35.71 -33.11
CA LEU A 1121 18.08 34.32 -32.67
C LEU A 1121 19.11 34.01 -31.57
N TRP A 1122 20.36 34.33 -31.86
CA TRP A 1122 21.48 34.05 -30.95
C TRP A 1122 21.45 34.83 -29.62
N SER A 1123 20.60 35.86 -29.54
CA SER A 1123 20.26 36.50 -28.27
C SER A 1123 19.31 35.65 -27.41
N ALA A 1124 18.42 34.89 -28.04
CA ALA A 1124 17.46 34.04 -27.33
C ALA A 1124 18.00 32.64 -27.00
N VAL A 1125 18.86 32.11 -27.88
CA VAL A 1125 19.51 30.80 -27.66
C VAL A 1125 20.38 30.84 -26.40
N ILE A 1126 21.15 31.91 -26.25
CA ILE A 1126 22.03 32.09 -25.08
C ILE A 1126 21.24 32.26 -23.76
N MET A 1127 20.03 32.81 -23.83
CA MET A 1127 19.10 32.82 -22.68
C MET A 1127 18.61 31.41 -22.38
N CYS A 1128 18.14 30.71 -23.41
CA CYS A 1128 17.65 29.33 -23.29
C CYS A 1128 18.72 28.36 -22.73
N ALA A 1129 19.98 28.58 -23.12
CA ALA A 1129 21.09 27.77 -22.61
C ALA A 1129 21.32 27.95 -21.11
N THR A 1130 21.39 29.20 -20.66
CA THR A 1130 21.64 29.51 -19.24
C THR A 1130 20.48 29.10 -18.30
N ILE A 1131 19.24 29.18 -18.80
CA ILE A 1131 18.06 28.71 -18.07
C ILE A 1131 18.05 27.18 -17.97
N ALA A 1132 18.56 26.50 -19.00
CA ALA A 1132 18.76 25.05 -18.96
C ALA A 1132 19.86 24.68 -17.98
N MET A 1133 21.01 25.34 -18.08
CA MET A 1133 22.18 24.96 -17.28
C MET A 1133 22.06 25.27 -15.77
N VAL A 1134 21.18 26.19 -15.39
CA VAL A 1134 20.92 26.47 -13.96
C VAL A 1134 20.05 25.37 -13.30
N LEU A 1135 19.04 24.89 -14.01
CA LEU A 1135 18.13 23.87 -13.46
C LEU A 1135 18.65 22.43 -13.55
N VAL A 1136 19.65 22.17 -14.38
CA VAL A 1136 20.41 20.91 -14.28
C VAL A 1136 21.30 20.93 -13.01
N ASN A 1137 21.88 22.09 -12.69
CA ASN A 1137 22.58 22.28 -11.42
C ASN A 1137 21.61 22.22 -10.22
N MET A 1138 20.36 22.61 -10.44
CA MET A 1138 19.28 22.37 -9.47
C MET A 1138 19.03 20.87 -9.26
N PHE A 1139 19.07 20.07 -10.33
CA PHE A 1139 19.06 18.60 -10.19
C PHE A 1139 20.31 18.09 -9.48
N GLY A 1140 21.44 18.77 -9.67
CA GLY A 1140 22.68 18.46 -8.95
C GLY A 1140 22.58 18.62 -7.44
N VAL A 1141 22.02 19.75 -6.99
CA VAL A 1141 21.89 20.03 -5.55
C VAL A 1141 20.84 19.13 -4.86
N MET A 1142 19.92 18.55 -5.63
CA MET A 1142 19.00 17.53 -5.10
C MET A 1142 19.80 16.38 -4.51
N TRP A 1143 20.73 15.84 -5.29
CA TRP A 1143 21.61 14.78 -4.81
C TRP A 1143 22.55 15.26 -3.70
N LEU A 1144 23.12 16.45 -3.87
CA LEU A 1144 24.15 16.97 -2.94
C LEU A 1144 23.69 17.08 -1.49
N TRP A 1145 22.42 17.43 -1.28
CA TRP A 1145 21.84 17.35 0.06
C TRP A 1145 21.07 16.03 0.31
N GLY A 1146 20.42 15.50 -0.71
CA GLY A 1146 19.62 14.27 -0.60
C GLY A 1146 18.14 14.60 -0.52
N ILE A 1147 17.67 15.30 -1.54
CA ILE A 1147 16.30 15.80 -1.64
C ILE A 1147 15.54 14.91 -2.63
N SER A 1148 14.31 14.56 -2.28
CA SER A 1148 13.48 13.68 -3.11
C SER A 1148 12.76 14.44 -4.21
N LEU A 1149 12.21 13.71 -5.17
CA LEU A 1149 11.57 14.26 -6.37
C LEU A 1149 10.05 14.07 -6.35
N ASN A 1150 9.42 14.54 -5.28
CA ASN A 1150 7.96 14.54 -5.15
C ASN A 1150 7.34 15.78 -5.81
N ALA A 1151 6.02 15.80 -5.88
CA ALA A 1151 5.26 16.95 -6.39
C ALA A 1151 5.43 18.21 -5.54
N VAL A 1152 5.69 18.02 -4.24
CA VAL A 1152 5.97 19.13 -3.31
C VAL A 1152 7.28 19.84 -3.68
N SER A 1153 8.27 19.08 -4.15
CA SER A 1153 9.52 19.64 -4.68
C SER A 1153 9.42 20.06 -6.15
N LEU A 1154 8.53 19.42 -6.91
CA LEU A 1154 8.35 19.75 -8.34
C LEU A 1154 7.78 21.14 -8.59
N VAL A 1155 6.86 21.58 -7.75
CA VAL A 1155 6.32 22.95 -7.80
C VAL A 1155 7.39 24.01 -7.49
N ASN A 1156 8.31 23.68 -6.58
CA ASN A 1156 9.44 24.55 -6.26
C ASN A 1156 10.63 24.33 -7.20
N LEU A 1157 10.57 23.30 -8.03
CA LEU A 1157 11.51 23.10 -9.13
C LEU A 1157 11.09 23.94 -10.34
N VAL A 1158 9.81 23.88 -10.71
CA VAL A 1158 9.28 24.73 -11.80
C VAL A 1158 9.31 26.22 -11.44
N MET A 1159 9.36 26.53 -10.14
CA MET A 1159 9.71 27.87 -9.62
C MET A 1159 11.00 28.42 -10.23
N SER A 1160 12.02 27.55 -10.29
CA SER A 1160 13.33 27.90 -10.86
C SER A 1160 13.26 28.38 -12.31
N CYS A 1161 12.38 27.75 -13.09
CA CYS A 1161 12.13 28.16 -14.49
C CYS A 1161 11.50 29.55 -14.58
N GLY A 1162 10.72 29.93 -13.56
CA GLY A 1162 10.09 31.25 -13.49
C GLY A 1162 10.92 32.36 -12.86
N ILE A 1163 11.77 32.02 -11.90
CA ILE A 1163 12.60 33.03 -11.21
C ILE A 1163 13.98 33.26 -11.85
N SER A 1164 14.55 32.24 -12.48
CA SER A 1164 15.87 32.38 -13.13
C SER A 1164 15.85 33.29 -14.37
N VAL A 1165 14.71 33.39 -15.05
CA VAL A 1165 14.55 34.32 -16.17
C VAL A 1165 14.58 35.79 -15.74
N GLU A 1166 14.29 36.06 -14.47
CA GLU A 1166 14.43 37.41 -13.88
C GLU A 1166 15.88 37.92 -13.92
N PHE A 1167 16.84 37.04 -13.65
CA PHE A 1167 18.27 37.40 -13.71
C PHE A 1167 18.88 37.37 -15.13
N CYS A 1168 18.11 36.91 -16.12
CA CYS A 1168 18.61 36.69 -17.49
C CYS A 1168 18.18 37.76 -18.49
N SER A 1169 16.90 38.16 -18.44
CA SER A 1169 16.35 39.15 -19.37
C SER A 1169 16.92 40.57 -19.19
N HIS A 1170 17.04 40.99 -17.93
CA HIS A 1170 17.50 42.35 -17.60
C HIS A 1170 18.98 42.63 -17.92
N ILE A 1171 19.75 41.58 -18.19
CA ILE A 1171 21.10 41.72 -18.77
C ILE A 1171 21.12 41.53 -20.30
N THR A 1172 20.25 40.66 -20.81
CA THR A 1172 20.18 40.38 -22.26
C THR A 1172 19.69 41.59 -23.06
N ARG A 1173 18.60 42.21 -22.61
CA ARG A 1173 18.08 43.42 -23.25
C ARG A 1173 19.11 44.56 -23.14
N ALA A 1174 19.70 44.70 -21.96
CA ALA A 1174 20.78 45.68 -21.74
C ALA A 1174 21.99 45.43 -22.64
N PHE A 1175 22.27 44.16 -22.94
CA PHE A 1175 23.33 43.79 -23.89
C PHE A 1175 22.95 44.08 -25.35
N THR A 1176 21.75 43.67 -25.76
CA THR A 1176 21.36 43.80 -27.19
C THR A 1176 21.18 45.24 -27.70
N VAL A 1177 20.77 46.16 -26.83
CA VAL A 1177 20.73 47.61 -27.16
C VAL A 1177 21.75 48.36 -26.28
N SER A 1178 22.91 48.64 -26.88
CA SER A 1178 23.97 49.41 -26.22
C SER A 1178 24.92 49.94 -27.29
N MET A 1179 25.07 51.27 -27.34
CA MET A 1179 25.73 51.94 -28.47
C MET A 1179 27.27 52.00 -28.31
N LYS A 1180 27.90 50.82 -28.33
CA LYS A 1180 29.36 50.67 -28.39
C LYS A 1180 29.71 49.70 -29.51
N GLY A 1181 30.95 49.81 -30.00
CA GLY A 1181 31.44 48.96 -31.08
C GLY A 1181 31.96 47.62 -30.58
N SER A 1182 32.99 47.68 -29.73
CA SER A 1182 33.62 46.47 -29.18
C SER A 1182 32.75 45.86 -28.07
N ARG A 1183 32.55 44.55 -28.16
CA ARG A 1183 31.64 43.81 -27.27
C ARG A 1183 32.13 43.65 -25.81
N VAL A 1184 33.42 43.85 -25.58
CA VAL A 1184 34.01 43.64 -24.24
C VAL A 1184 33.56 44.76 -23.29
N GLU A 1185 33.84 46.00 -23.67
CA GLU A 1185 33.40 47.18 -22.89
C GLU A 1185 31.89 47.41 -22.96
N ARG A 1186 31.23 46.85 -23.98
CA ARG A 1186 29.78 46.88 -24.11
C ARG A 1186 29.04 46.18 -22.96
N ALA A 1187 29.61 45.08 -22.46
CA ALA A 1187 29.01 44.31 -21.36
C ALA A 1187 29.07 45.04 -20.01
N GLU A 1188 30.14 45.80 -19.79
CA GLU A 1188 30.33 46.57 -18.54
C GLU A 1188 29.24 47.63 -18.36
N GLU A 1189 28.79 48.20 -19.48
CA GLU A 1189 27.59 49.05 -19.51
C GLU A 1189 26.37 48.30 -18.98
N ALA A 1190 26.13 47.10 -19.50
CA ALA A 1190 25.01 46.27 -19.05
C ALA A 1190 25.15 45.82 -17.58
N LEU A 1191 26.39 45.63 -17.13
CA LEU A 1191 26.65 45.35 -15.70
C LEU A 1191 26.36 46.56 -14.81
N ALA A 1192 27.02 47.68 -15.10
CA ALA A 1192 26.93 48.88 -14.25
C ALA A 1192 25.56 49.56 -14.21
N HIS A 1193 24.78 49.43 -15.29
CA HIS A 1193 23.48 50.13 -15.41
C HIS A 1193 22.29 49.30 -14.91
N MET A 1194 22.25 48.00 -15.24
CA MET A 1194 21.18 47.09 -14.80
C MET A 1194 21.63 46.09 -13.73
N GLY A 1195 22.75 45.40 -14.01
CA GLY A 1195 23.24 44.30 -13.16
C GLY A 1195 23.41 44.56 -11.68
N SER A 1196 23.78 45.80 -11.33
CA SER A 1196 23.97 46.18 -9.92
C SER A 1196 22.64 46.22 -9.15
N SER A 1197 21.62 46.80 -9.78
CA SER A 1197 20.27 46.85 -9.22
C SER A 1197 19.62 45.45 -9.12
N VAL A 1198 20.02 44.54 -10.02
CA VAL A 1198 19.60 43.14 -9.94
C VAL A 1198 20.25 42.49 -8.70
N PHE A 1199 21.56 42.66 -8.54
CA PHE A 1199 22.27 42.20 -7.32
C PHE A 1199 21.73 42.85 -6.04
N SER A 1200 21.30 44.10 -6.12
CA SER A 1200 20.59 44.75 -5.01
C SER A 1200 19.23 44.09 -4.70
N GLY A 1201 18.64 43.41 -5.69
CA GLY A 1201 17.39 42.65 -5.51
C GLY A 1201 17.49 41.16 -5.21
N ILE A 1202 18.68 40.66 -4.85
CA ILE A 1202 18.84 39.27 -4.35
C ILE A 1202 19.09 39.21 -2.84
N THR A 1203 19.61 40.29 -2.26
CA THR A 1203 20.04 40.33 -0.87
C THR A 1203 18.86 40.21 0.12
N LEU A 1204 17.68 40.69 -0.29
CA LEU A 1204 16.47 40.54 0.51
C LEU A 1204 16.03 39.08 0.66
N THR A 1205 16.08 38.32 -0.43
CA THR A 1205 15.81 36.86 -0.39
C THR A 1205 17.00 36.08 0.18
N LYS A 1206 18.22 36.61 0.03
CA LYS A 1206 19.40 36.04 0.69
C LYS A 1206 19.31 36.14 2.21
N PHE A 1207 18.95 37.32 2.72
CA PHE A 1207 18.75 37.54 4.16
C PHE A 1207 17.38 37.05 4.65
N GLY A 1208 16.44 36.82 3.72
CA GLY A 1208 15.22 36.07 4.02
C GLY A 1208 15.42 34.56 4.14
N GLY A 1209 16.55 34.07 3.65
CA GLY A 1209 16.96 32.68 3.86
C GLY A 1209 17.49 32.40 5.25
N ILE A 1210 18.40 33.25 5.74
CA ILE A 1210 19.10 33.01 7.01
C ILE A 1210 18.13 33.00 8.21
N VAL A 1211 17.16 33.90 8.19
CA VAL A 1211 16.08 33.96 9.19
C VAL A 1211 15.24 32.66 9.30
N VAL A 1212 15.14 31.89 8.22
CA VAL A 1212 14.42 30.60 8.22
C VAL A 1212 15.16 29.57 9.09
N LEU A 1213 16.43 29.30 8.75
CA LEU A 1213 17.26 28.35 9.51
C LEU A 1213 17.61 28.83 10.91
N ALA A 1214 17.75 30.14 11.10
CA ALA A 1214 18.07 30.72 12.41
C ALA A 1214 17.05 30.40 13.51
N PHE A 1215 15.78 30.20 13.13
CA PHE A 1215 14.74 29.74 14.05
C PHE A 1215 13.88 28.63 13.41
N ALA A 1216 14.54 27.67 12.76
CA ALA A 1216 13.86 26.55 12.09
C ALA A 1216 13.26 25.58 13.11
N LYS A 1217 11.96 25.32 13.00
CA LYS A 1217 11.22 24.49 13.95
C LYS A 1217 10.83 23.15 13.32
N SER A 1218 10.04 23.20 12.25
CA SER A 1218 9.57 21.99 11.57
C SER A 1218 10.65 21.42 10.65
N GLN A 1219 10.42 20.19 10.21
CA GLN A 1219 11.39 19.45 9.39
C GLN A 1219 11.04 19.44 7.89
N ILE A 1220 9.75 19.32 7.56
CA ILE A 1220 9.30 19.34 6.15
C ILE A 1220 9.54 20.71 5.48
N PHE A 1221 9.34 21.79 6.23
CA PHE A 1221 9.62 23.15 5.76
C PHE A 1221 11.11 23.38 5.57
N GLN A 1222 11.91 22.84 6.49
CA GLN A 1222 13.36 22.95 6.44
C GLN A 1222 14.00 22.07 5.35
N ILE A 1223 13.39 20.93 5.01
CA ILE A 1223 14.01 19.98 4.07
C ILE A 1223 13.80 20.32 2.58
N PHE A 1224 12.65 20.90 2.23
CA PHE A 1224 12.39 21.37 0.85
C PHE A 1224 12.45 22.89 0.73
N TYR A 1225 11.59 23.57 1.47
CA TYR A 1225 11.36 25.02 1.30
C TYR A 1225 12.43 25.96 1.90
N PHE A 1226 13.50 25.40 2.47
CA PHE A 1226 14.68 26.19 2.83
C PHE A 1226 15.76 26.07 1.76
N ARG A 1227 16.19 24.83 1.52
CA ARG A 1227 17.37 24.56 0.68
C ARG A 1227 17.14 24.82 -0.80
N MET A 1228 15.91 24.66 -1.26
CA MET A 1228 15.54 25.01 -2.63
C MET A 1228 15.71 26.52 -2.87
N TYR A 1229 15.19 27.36 -1.98
CA TYR A 1229 15.32 28.82 -2.11
C TYR A 1229 16.78 29.29 -2.02
N LEU A 1230 17.55 28.73 -1.08
CA LEU A 1230 18.97 29.05 -0.94
C LEU A 1230 19.77 28.58 -2.17
N ALA A 1231 19.57 27.33 -2.56
CA ALA A 1231 20.23 26.78 -3.77
C ALA A 1231 19.58 27.23 -5.11
N MET A 1232 18.57 28.10 -5.05
CA MET A 1232 18.00 28.77 -6.23
C MET A 1232 18.53 30.20 -6.37
N VAL A 1233 18.51 30.97 -5.27
CA VAL A 1233 19.03 32.34 -5.29
C VAL A 1233 20.55 32.34 -5.50
N LEU A 1234 21.27 31.63 -4.62
CA LEU A 1234 22.75 31.59 -4.68
C LEU A 1234 23.32 30.75 -5.83
N LEU A 1235 22.47 30.04 -6.58
CA LEU A 1235 22.90 29.35 -7.82
C LEU A 1235 22.38 30.01 -9.10
N GLY A 1236 21.26 30.74 -9.02
CA GLY A 1236 20.75 31.53 -10.14
C GLY A 1236 21.51 32.82 -10.34
N ALA A 1237 21.74 33.54 -9.23
CA ALA A 1237 22.51 34.78 -9.25
C ALA A 1237 23.98 34.57 -9.64
N THR A 1238 24.52 33.39 -9.34
CA THR A 1238 25.89 33.03 -9.73
C THR A 1238 25.99 32.87 -11.25
N HIS A 1239 25.15 32.01 -11.83
CA HIS A 1239 25.14 31.79 -13.28
C HIS A 1239 24.50 32.94 -14.09
N GLY A 1240 23.77 33.82 -13.40
CA GLY A 1240 23.14 34.98 -14.04
C GLY A 1240 24.08 36.15 -14.33
N LEU A 1241 24.60 36.76 -13.26
CA LEU A 1241 25.39 38.02 -13.37
C LEU A 1241 26.91 37.86 -13.20
N ILE A 1242 27.41 36.63 -13.25
CA ILE A 1242 28.86 36.35 -13.26
C ILE A 1242 29.24 35.54 -14.51
N PHE A 1243 28.59 34.39 -14.70
CA PHE A 1243 28.90 33.49 -15.82
C PHE A 1243 28.47 34.01 -17.20
N LEU A 1244 27.25 34.54 -17.29
CA LEU A 1244 26.64 34.90 -18.59
C LEU A 1244 27.37 36.02 -19.37
N PRO A 1245 27.79 37.11 -18.68
CA PRO A 1245 28.59 38.15 -19.35
C PRO A 1245 29.89 37.66 -20.01
N VAL A 1246 30.48 36.60 -19.46
CA VAL A 1246 31.69 35.99 -20.00
C VAL A 1246 31.39 35.30 -21.33
N LEU A 1247 30.22 34.68 -21.44
CA LEU A 1247 29.74 34.15 -22.74
C LEU A 1247 29.30 35.27 -23.68
N LEU A 1248 28.76 36.37 -23.13
CA LEU A 1248 28.50 37.58 -23.92
C LEU A 1248 29.77 38.27 -24.43
N SER A 1249 30.91 38.07 -23.76
CA SER A 1249 32.21 38.51 -24.29
C SER A 1249 32.85 37.52 -25.30
N TYR A 1250 32.22 36.36 -25.52
CA TYR A 1250 32.70 35.33 -26.46
C TYR A 1250 31.82 35.23 -27.70
N ILE A 1251 30.53 34.95 -27.51
CA ILE A 1251 29.55 34.92 -28.62
C ILE A 1251 28.50 36.00 -28.34
N GLY A 1252 28.97 37.24 -28.30
CA GLY A 1252 28.11 38.42 -28.19
C GLY A 1252 27.68 38.91 -29.56
N PRO A 1253 26.37 38.86 -29.86
CA PRO A 1253 25.90 39.43 -31.13
C PRO A 1253 25.91 40.97 -31.15
N SER A 1254 25.69 41.53 -32.33
CA SER A 1254 25.66 42.99 -32.52
C SER A 1254 24.89 43.40 -33.77
N VAL A 1255 24.51 44.68 -33.81
CA VAL A 1255 23.78 45.27 -34.93
C VAL A 1255 24.71 46.26 -35.64
#